data_4CSH
#
_entry.id   4CSH
#
_cell.length_a   39.220
_cell.length_b   61.470
_cell.length_c   73.130
_cell.angle_alpha   91.49
_cell.angle_beta   98.62
_cell.angle_gamma   89.99
#
_symmetry.space_group_name_H-M   'P 1'
#
loop_
_entity.id
_entity.type
_entity.pdbx_description
1 polymer LYSK
2 non-polymer GLYCEROL
3 non-polymer 'CALCIUM ION'
4 non-polymer '2-(N-MORPHOLINO)-ETHANESULFONIC ACID'
5 non-polymer 'SODIUM ION'
6 non-polymer 'ZINC ION'
7 water water
#
_entity_poly.entity_id   1
_entity_poly.type   'polypeptide(L)'
_entity_poly.pdbx_seq_one_letter_code
;MAKTQAEINKRLDAYAKGTVDSPYRVKKATSYDPSFGVMEAGAIDADGYYHAQCQDLITDYVLWLTDNKVRTWGNAKDQI
KQSYGTGFKIHENKPSTVPKKGWIAVFTSGSYEQWGHIGIVYDGGNTSTFTILEQNWNGYANKKPTKRVDNYYGLTHFIE
IPVKA
;
_entity_poly.pdbx_strand_id   A,B,C,D
#
loop_
_chem_comp.id
_chem_comp.type
_chem_comp.name
_chem_comp.formula
CA non-polymer 'CALCIUM ION' 'Ca 2'
GOL non-polymer GLYCEROL 'C3 H8 O3'
MES non-polymer '2-(N-MORPHOLINO)-ETHANESULFONIC ACID' 'C6 H13 N O4 S'
NA non-polymer 'SODIUM ION' 'Na 1'
ZN non-polymer 'ZINC ION' 'Zn 2'
#
# COMPACT_ATOMS: atom_id res chain seq x y z
N ALA A 2 -25.40 24.95 -7.50
CA ALA A 2 -25.01 24.06 -8.64
C ALA A 2 -24.16 24.84 -9.63
N LYS A 3 -23.42 24.13 -10.49
CA LYS A 3 -22.49 24.74 -11.42
C LYS A 3 -22.94 24.49 -12.84
N THR A 4 -22.64 25.44 -13.72
CA THR A 4 -22.94 25.28 -15.15
C THR A 4 -21.96 24.31 -15.80
N GLN A 5 -22.34 23.78 -16.97
CA GLN A 5 -21.41 23.00 -17.75
C GLN A 5 -20.16 23.78 -18.09
N ALA A 6 -20.30 25.06 -18.42
CA ALA A 6 -19.11 25.86 -18.73
C ALA A 6 -18.17 25.97 -17.50
N GLU A 7 -18.74 26.14 -16.33
CA GLU A 7 -17.93 26.17 -15.09
C GLU A 7 -17.25 24.82 -14.81
N ILE A 8 -18.00 23.74 -14.99
CA ILE A 8 -17.45 22.39 -14.84
C ILE A 8 -16.28 22.20 -15.82
N ASN A 9 -16.55 22.46 -17.11
CA ASN A 9 -15.51 22.28 -18.12
C ASN A 9 -14.22 23.05 -17.84
N LYS A 10 -14.38 24.27 -17.40
CA LYS A 10 -13.24 25.08 -16.99
C LYS A 10 -12.43 24.49 -15.81
N ARG A 11 -13.16 23.98 -14.83
CA ARG A 11 -12.53 23.37 -13.67
C ARG A 11 -11.76 22.09 -14.03
N LEU A 12 -12.29 21.29 -14.97
CA LEU A 12 -11.58 20.10 -15.40
C LEU A 12 -10.28 20.44 -16.09
N ASP A 13 -10.29 21.48 -16.92
CA ASP A 13 -9.06 21.89 -17.59
C ASP A 13 -8.04 22.43 -16.56
N ALA A 14 -8.54 23.12 -15.58
CA ALA A 14 -7.64 23.70 -14.53
C ALA A 14 -7.04 22.60 -13.65
N TYR A 15 -7.81 21.53 -13.35
CA TYR A 15 -7.20 20.35 -12.69
C TYR A 15 -6.00 19.85 -13.49
N ALA A 16 -6.20 19.64 -14.80
CA ALA A 16 -5.20 19.02 -15.63
C ALA A 16 -3.99 19.94 -15.81
N LYS A 17 -4.22 21.25 -15.80
CA LYS A 17 -3.14 22.22 -15.94
C LYS A 17 -2.40 22.48 -14.63
N GLY A 18 -2.99 22.13 -13.49
CA GLY A 18 -2.38 22.47 -12.19
C GLY A 18 -2.65 23.88 -11.72
N THR A 19 -3.75 24.47 -12.18
CA THR A 19 -4.14 25.85 -11.84
C THR A 19 -5.47 25.96 -11.13
N VAL A 20 -6.06 24.82 -10.78
CA VAL A 20 -7.41 24.86 -10.18
C VAL A 20 -7.45 25.67 -8.90
N ASP A 21 -8.54 26.43 -8.74
CA ASP A 21 -8.78 27.18 -7.54
C ASP A 21 -9.26 26.21 -6.46
N SER A 22 -8.31 25.59 -5.78
CA SER A 22 -8.57 24.66 -4.69
C SER A 22 -7.55 24.91 -3.60
N PRO A 23 -8.00 24.98 -2.32
CA PRO A 23 -7.05 25.09 -1.23
C PRO A 23 -6.33 23.74 -0.94
N TYR A 24 -6.70 22.65 -1.68
CA TYR A 24 -6.09 21.32 -1.51
C TYR A 24 -5.08 21.00 -2.61
N ARG A 25 -4.80 21.97 -3.48
CA ARG A 25 -3.79 21.82 -4.52
C ARG A 25 -2.41 22.15 -3.95
N VAL A 26 -1.49 21.22 -4.12
CA VAL A 26 -0.09 21.37 -3.73
C VAL A 26 0.53 22.52 -4.52
N LYS A 27 1.11 23.47 -3.78
CA LYS A 27 1.76 24.67 -4.42
C LYS A 27 3.23 24.41 -4.70
N LYS A 28 3.88 23.73 -3.76
CA LYS A 28 5.30 23.41 -3.85
C LYS A 28 5.44 21.93 -3.53
N ALA A 29 6.27 21.20 -4.28
CA ALA A 29 6.46 19.70 -4.15
C ALA A 29 6.55 19.28 -2.70
N THR A 30 5.62 18.42 -2.29
CA THR A 30 5.34 18.15 -0.88
C THR A 30 5.47 16.68 -0.59
N SER A 31 6.07 16.34 0.55
CA SER A 31 6.20 14.95 0.99
CA SER A 31 6.12 14.94 0.98
C SER A 31 6.07 14.73 2.47
N TYR A 32 5.42 13.62 2.84
CA TYR A 32 5.30 13.21 4.21
C TYR A 32 5.24 11.67 4.36
N ASP A 33 4.88 10.92 3.29
CA ASP A 33 4.65 9.50 3.41
C ASP A 33 5.71 8.79 2.59
N PRO A 34 6.64 8.12 3.29
CA PRO A 34 7.79 7.49 2.59
C PRO A 34 7.41 6.38 1.58
N SER A 35 6.17 5.89 1.66
CA SER A 35 5.68 4.90 0.71
C SER A 35 5.32 5.42 -0.66
N PHE A 36 5.17 6.74 -0.80
CA PHE A 36 4.68 7.36 -2.03
C PHE A 36 5.70 8.37 -2.55
N GLY A 37 5.61 8.65 -3.84
CA GLY A 37 6.45 9.67 -4.42
C GLY A 37 6.07 11.08 -3.99
N VAL A 38 7.07 11.98 -4.01
CA VAL A 38 6.86 13.37 -3.65
C VAL A 38 5.76 13.92 -4.52
N MET A 39 4.77 14.59 -3.91
CA MET A 39 3.64 15.16 -4.68
C MET A 39 4.09 16.42 -5.45
N GLU A 40 3.96 16.37 -6.77
CA GLU A 40 4.30 17.51 -7.60
C GLU A 40 3.27 18.62 -7.41
N ALA A 41 3.69 19.85 -7.66
CA ALA A 41 2.78 20.99 -7.75
C ALA A 41 1.62 20.65 -8.68
N GLY A 42 0.39 20.92 -8.20
CA GLY A 42 -0.77 20.59 -8.94
C GLY A 42 -1.55 19.39 -8.37
N ALA A 43 -0.85 18.48 -7.68
CA ALA A 43 -1.54 17.36 -7.03
C ALA A 43 -2.57 17.83 -6.03
N ILE A 44 -3.63 17.04 -5.86
CA ILE A 44 -4.71 17.35 -4.94
C ILE A 44 -4.66 16.38 -3.77
N ASP A 45 -4.51 16.92 -2.56
CA ASP A 45 -4.49 16.10 -1.34
C ASP A 45 -5.48 16.74 -0.37
N ALA A 46 -6.62 16.08 -0.23
CA ALA A 46 -7.74 16.63 0.52
C ALA A 46 -7.81 16.17 1.97
N ASP A 47 -7.10 15.08 2.30
CA ASP A 47 -7.21 14.47 3.66
C ASP A 47 -5.92 14.51 4.48
N GLY A 48 -4.79 14.79 3.84
CA GLY A 48 -3.50 14.77 4.51
C GLY A 48 -2.92 13.38 4.82
N TYR A 49 -3.48 12.31 4.23
CA TYR A 49 -2.95 11.00 4.26
C TYR A 49 -2.67 10.47 2.87
N TYR A 50 -1.68 9.59 2.77
CA TYR A 50 -1.45 8.82 1.52
C TYR A 50 -1.10 9.63 0.26
N HIS A 51 -0.62 10.85 0.41
CA HIS A 51 -0.31 11.73 -0.74
C HIS A 51 -1.56 11.87 -1.65
N ALA A 52 -1.41 11.81 -2.97
CA ALA A 52 -2.49 12.24 -3.87
C ALA A 52 -3.10 11.02 -4.53
N GLN A 53 -4.14 10.53 -3.87
CA GLN A 53 -4.89 9.34 -4.27
C GLN A 53 -6.03 9.70 -5.22
N CYS A 54 -6.65 8.66 -5.78
CA CYS A 54 -7.73 8.87 -6.71
C CYS A 54 -8.91 9.57 -6.04
N GLN A 55 -9.27 9.15 -4.82
CA GLN A 55 -10.44 9.74 -4.14
C GLN A 55 -10.22 11.22 -3.73
N ASP A 56 -8.99 11.64 -3.47
CA ASP A 56 -8.66 13.07 -3.17
C ASP A 56 -9.24 14.07 -4.22
N LEU A 57 -9.11 13.72 -5.52
CA LEU A 57 -9.65 14.53 -6.57
C LEU A 57 -11.15 14.68 -6.39
N ILE A 58 -11.81 13.55 -6.14
CA ILE A 58 -13.29 13.52 -6.04
C ILE A 58 -13.74 14.29 -4.82
N THR A 59 -13.05 14.13 -3.71
CA THR A 59 -13.39 14.92 -2.52
C THR A 59 -13.39 16.40 -2.86
N ASP A 60 -12.32 16.88 -3.50
CA ASP A 60 -12.27 18.29 -3.89
C ASP A 60 -13.41 18.72 -4.81
N TYR A 61 -13.64 17.92 -5.87
CA TYR A 61 -14.66 18.21 -6.86
C TYR A 61 -16.07 18.29 -6.27
N VAL A 62 -16.40 17.33 -5.41
CA VAL A 62 -17.71 17.29 -4.78
C VAL A 62 -17.87 18.44 -3.77
N LEU A 63 -16.81 18.77 -3.04
CA LEU A 63 -16.86 20.00 -2.21
C LEU A 63 -17.16 21.25 -3.05
N TRP A 64 -16.50 21.39 -4.21
CA TRP A 64 -16.75 22.54 -5.07
C TRP A 64 -18.16 22.56 -5.64
N LEU A 65 -18.62 21.41 -6.14
CA LEU A 65 -19.96 21.32 -6.70
C LEU A 65 -21.05 21.69 -5.68
N THR A 66 -20.78 21.39 -4.39
CA THR A 66 -21.81 21.57 -3.32
C THR A 66 -21.53 22.76 -2.41
N ASP A 67 -20.70 23.69 -2.85
CA ASP A 67 -20.32 24.86 -2.03
C ASP A 67 -19.87 24.45 -0.64
N ASN A 68 -19.00 23.43 -0.59
CA ASN A 68 -18.45 22.90 0.67
C ASN A 68 -19.44 22.21 1.63
N LYS A 69 -20.63 21.90 1.17
CA LYS A 69 -21.63 21.26 2.02
C LYS A 69 -21.42 19.77 2.16
N VAL A 70 -20.88 19.11 1.13
CA VAL A 70 -20.74 17.67 1.11
C VAL A 70 -19.26 17.24 1.02
N ARG A 71 -18.76 16.65 2.10
CA ARG A 71 -17.46 16.01 2.12
C ARG A 71 -17.62 14.51 2.00
N THR A 72 -17.00 13.90 0.99
CA THR A 72 -17.08 12.46 0.83
C THR A 72 -16.37 11.75 1.97
N TRP A 73 -16.79 10.52 2.26
CA TRP A 73 -16.07 9.65 3.20
C TRP A 73 -15.74 8.33 2.51
N GLY A 74 -14.69 7.66 3.00
CA GLY A 74 -14.34 6.32 2.51
C GLY A 74 -13.48 6.32 1.25
N ASN A 75 -13.22 5.12 0.77
CA ASN A 75 -12.41 4.88 -0.39
C ASN A 75 -13.23 5.01 -1.67
N ALA A 76 -12.55 4.92 -2.79
CA ALA A 76 -13.22 5.03 -4.10
C ALA A 76 -14.43 4.12 -4.18
N LYS A 77 -14.28 2.86 -3.79
CA LYS A 77 -15.40 1.90 -3.98
C LYS A 77 -16.58 2.22 -3.09
N ASP A 78 -16.33 2.88 -1.96
CA ASP A 78 -17.43 3.24 -1.06
C ASP A 78 -18.31 4.40 -1.58
N GLN A 79 -17.90 5.09 -2.66
CA GLN A 79 -18.70 6.24 -3.15
C GLN A 79 -20.10 5.84 -3.63
N ILE A 80 -20.25 4.60 -4.11
CA ILE A 80 -21.55 4.14 -4.58
C ILE A 80 -22.45 3.63 -3.43
N LYS A 81 -21.94 3.72 -2.21
CA LYS A 81 -22.71 3.34 -1.02
C LYS A 81 -23.20 4.52 -0.22
N GLN A 82 -22.99 5.72 -0.75
CA GLN A 82 -23.40 6.96 -0.16
C GLN A 82 -24.09 7.84 -1.21
N SER A 83 -24.76 8.92 -0.80
CA SER A 83 -25.35 9.91 -1.74
C SER A 83 -24.75 11.27 -1.51
N TYR A 84 -24.42 11.96 -2.59
CA TYR A 84 -23.94 13.34 -2.52
C TYR A 84 -25.08 14.38 -2.45
N GLY A 85 -26.30 13.89 -2.59
CA GLY A 85 -27.48 14.74 -2.38
C GLY A 85 -28.30 14.94 -3.61
N THR A 86 -29.19 15.94 -3.55
CA THR A 86 -30.13 16.23 -4.63
C THR A 86 -29.47 16.47 -5.99
N GLY A 87 -29.94 15.76 -6.99
CA GLY A 87 -29.49 15.95 -8.34
C GLY A 87 -28.31 15.04 -8.70
N PHE A 88 -27.68 14.42 -7.72
CA PHE A 88 -26.68 13.35 -7.95
C PHE A 88 -27.36 11.98 -8.07
N LYS A 89 -27.05 11.25 -9.14
CA LYS A 89 -27.68 9.97 -9.41
C LYS A 89 -26.63 8.93 -9.72
N ILE A 90 -26.75 7.75 -9.11
CA ILE A 90 -25.83 6.61 -9.40
C ILE A 90 -26.41 5.72 -10.51
N HIS A 91 -25.65 5.53 -11.59
CA HIS A 91 -26.05 4.67 -12.71
C HIS A 91 -25.15 3.44 -12.81
N GLU A 92 -25.73 2.26 -12.94
CA GLU A 92 -24.95 1.08 -13.31
C GLU A 92 -24.46 1.22 -14.74
N ASN A 93 -23.22 0.79 -14.98
CA ASN A 93 -22.64 0.85 -16.32
C ASN A 93 -23.14 -0.38 -17.07
N LYS A 94 -24.09 -0.17 -17.96
CA LYS A 94 -24.56 -1.24 -18.84
C LYS A 94 -23.84 -1.13 -20.19
N PRO A 95 -23.82 -2.22 -20.97
CA PRO A 95 -23.13 -2.17 -22.29
C PRO A 95 -23.64 -1.03 -23.19
N SER A 96 -24.92 -0.70 -23.02
CA SER A 96 -25.54 0.51 -23.59
C SER A 96 -24.97 1.86 -23.09
N THR A 97 -24.46 1.89 -21.86
CA THR A 97 -24.21 3.16 -21.15
C THR A 97 -23.00 3.95 -21.64
N VAL A 98 -23.22 5.22 -21.96
CA VAL A 98 -22.13 6.16 -22.33
C VAL A 98 -22.28 7.38 -21.41
N PRO A 99 -21.20 7.76 -20.73
CA PRO A 99 -21.31 8.87 -19.77
C PRO A 99 -21.23 10.30 -20.39
N LYS A 100 -21.36 11.34 -19.57
CA LYS A 100 -21.27 12.75 -19.97
C LYS A 100 -20.14 13.46 -19.23
N LYS A 101 -19.57 14.47 -19.89
CA LYS A 101 -18.47 15.22 -19.34
C LYS A 101 -18.85 15.78 -17.97
N GLY A 102 -17.96 15.55 -17.01
CA GLY A 102 -18.19 15.97 -15.64
C GLY A 102 -18.79 14.89 -14.71
N TRP A 103 -19.34 13.82 -15.27
CA TRP A 103 -19.80 12.67 -14.45
C TRP A 103 -18.59 11.99 -13.80
N ILE A 104 -18.85 11.24 -12.75
CA ILE A 104 -17.83 10.51 -12.01
C ILE A 104 -17.87 9.04 -12.37
N ALA A 105 -16.73 8.50 -12.77
CA ALA A 105 -16.57 7.11 -13.14
C ALA A 105 -16.02 6.30 -11.98
N VAL A 106 -16.70 5.21 -11.60
CA VAL A 106 -16.33 4.38 -10.44
C VAL A 106 -16.05 2.93 -10.83
N PHE A 107 -14.83 2.48 -10.52
CA PHE A 107 -14.34 1.13 -10.82
C PHE A 107 -14.33 0.27 -9.57
N THR A 108 -15.08 -0.82 -9.58
CA THR A 108 -15.20 -1.69 -8.40
C THR A 108 -14.99 -3.19 -8.64
N SER A 109 -14.70 -3.64 -9.87
CA SER A 109 -14.55 -5.07 -10.13
CA SER A 109 -14.57 -5.05 -10.16
C SER A 109 -13.16 -5.38 -10.62
N GLY A 110 -12.82 -6.67 -10.54
CA GLY A 110 -11.53 -7.16 -11.03
C GLY A 110 -10.38 -6.63 -10.24
N SER A 111 -9.40 -6.09 -10.97
CA SER A 111 -8.20 -5.61 -10.34
C SER A 111 -8.43 -4.41 -9.44
N TYR A 112 -9.57 -3.73 -9.63
CA TYR A 112 -9.94 -2.63 -8.77
C TYR A 112 -10.80 -2.98 -7.55
N GLU A 113 -11.04 -4.26 -7.26
CA GLU A 113 -12.03 -4.59 -6.27
C GLU A 113 -11.65 -4.15 -4.83
N GLN A 114 -10.40 -4.26 -4.48
CA GLN A 114 -10.01 -4.08 -3.06
C GLN A 114 -10.29 -2.69 -2.49
N TRP A 115 -9.89 -1.63 -3.23
CA TRP A 115 -10.14 -0.23 -2.81
C TRP A 115 -11.06 0.58 -3.73
N GLY A 116 -11.28 0.05 -4.95
CA GLY A 116 -11.86 0.80 -6.00
C GLY A 116 -10.87 1.77 -6.67
N HIS A 117 -11.28 2.27 -7.81
CA HIS A 117 -10.66 3.43 -8.47
C HIS A 117 -11.77 4.38 -8.91
N ILE A 118 -11.43 5.65 -9.13
CA ILE A 118 -12.42 6.67 -9.37
C ILE A 118 -11.74 7.84 -10.12
N GLY A 119 -12.52 8.54 -10.92
CA GLY A 119 -12.09 9.73 -11.65
C GLY A 119 -13.26 10.46 -12.30
N ILE A 120 -12.97 11.52 -13.04
CA ILE A 120 -14.01 12.40 -13.61
C ILE A 120 -14.02 12.17 -15.14
N VAL A 121 -15.19 12.01 -15.69
CA VAL A 121 -15.30 11.87 -17.16
C VAL A 121 -14.92 13.21 -17.84
N TYR A 122 -13.82 13.19 -18.61
CA TYR A 122 -13.39 14.35 -19.36
C TYR A 122 -14.02 14.39 -20.79
N ASP A 123 -14.09 13.26 -21.46
CA ASP A 123 -14.77 13.15 -22.76
CA ASP A 123 -14.76 13.15 -22.77
C ASP A 123 -15.56 11.88 -22.73
N GLY A 124 -16.87 11.99 -22.94
CA GLY A 124 -17.77 10.86 -22.88
C GLY A 124 -17.54 9.72 -23.85
N GLY A 125 -16.88 10.03 -24.97
CA GLY A 125 -16.38 9.05 -25.88
C GLY A 125 -17.53 8.31 -26.55
N ASN A 126 -17.36 7.00 -26.68
CA ASN A 126 -18.38 6.11 -27.21
C ASN A 126 -18.47 4.86 -26.37
N THR A 127 -19.10 3.81 -26.90
CA THR A 127 -19.30 2.58 -26.16
C THR A 127 -18.03 1.82 -25.99
N SER A 128 -16.97 2.19 -26.72
CA SER A 128 -15.71 1.47 -26.67
C SER A 128 -14.71 2.11 -25.68
N THR A 129 -14.50 3.43 -25.78
CA THR A 129 -13.56 4.14 -24.90
C THR A 129 -14.12 5.49 -24.47
N PHE A 130 -13.55 6.06 -23.39
CA PHE A 130 -13.81 7.43 -23.02
C PHE A 130 -12.54 7.97 -22.37
N THR A 131 -12.49 9.28 -22.18
CA THR A 131 -11.32 9.89 -21.54
C THR A 131 -11.67 10.24 -20.12
N ILE A 132 -10.85 9.79 -19.19
CA ILE A 132 -11.00 10.06 -17.79
C ILE A 132 -9.96 11.06 -17.35
N LEU A 133 -10.26 11.79 -16.29
CA LEU A 133 -9.29 12.67 -15.62
C LEU A 133 -9.21 12.19 -14.19
N GLU A 134 -8.03 11.76 -13.75
CA GLU A 134 -7.90 10.99 -12.50
C GLU A 134 -6.59 11.28 -11.81
N GLN A 135 -6.52 10.94 -10.53
CA GLN A 135 -5.25 10.78 -9.83
C GLN A 135 -4.87 9.31 -9.57
N ASN A 136 -3.58 9.08 -9.50
CA ASN A 136 -2.99 7.84 -8.95
C ASN A 136 -3.26 6.56 -9.72
N TRP A 137 -3.46 6.66 -11.03
CA TRP A 137 -3.53 5.43 -11.76
C TRP A 137 -2.12 4.71 -11.69
N ASN A 138 -1.03 5.43 -11.42
CA ASN A 138 0.35 4.83 -11.34
C ASN A 138 0.72 4.14 -10.01
N GLY A 139 -0.13 4.33 -9.01
CA GLY A 139 0.08 3.80 -7.69
C GLY A 139 1.03 4.57 -6.78
N TYR A 140 1.77 5.54 -7.31
CA TYR A 140 2.80 6.29 -6.55
C TYR A 140 2.27 7.56 -5.88
N ALA A 141 1.02 7.94 -6.19
CA ALA A 141 0.28 9.03 -5.54
C ALA A 141 1.02 10.37 -5.60
N ASN A 142 1.71 10.58 -6.71
CA ASN A 142 2.59 11.74 -6.86
C ASN A 142 2.23 12.75 -7.93
N LYS A 143 1.47 12.34 -8.96
CA LYS A 143 1.16 13.21 -10.03
C LYS A 143 -0.14 14.01 -9.84
N LYS A 144 -0.19 15.13 -10.54
CA LYS A 144 -1.41 15.93 -10.61
C LYS A 144 -2.48 15.20 -11.43
N PRO A 145 -3.73 15.67 -11.37
CA PRO A 145 -4.77 15.00 -12.19
C PRO A 145 -4.33 14.92 -13.64
N THR A 146 -4.54 13.78 -14.26
CA THR A 146 -4.01 13.49 -15.56
C THR A 146 -5.04 12.79 -16.38
N LYS A 147 -5.09 13.11 -17.67
CA LYS A 147 -6.02 12.41 -18.57
C LYS A 147 -5.52 11.05 -19.07
N ARG A 148 -6.44 10.11 -19.29
CA ARG A 148 -6.10 8.73 -19.71
C ARG A 148 -7.30 8.21 -20.49
N VAL A 149 -7.01 7.47 -21.56
CA VAL A 149 -8.09 6.78 -22.27
C VAL A 149 -8.40 5.45 -21.60
N ASP A 150 -9.66 5.23 -21.27
CA ASP A 150 -10.12 4.01 -20.62
C ASP A 150 -11.04 3.20 -21.54
N ASN A 151 -11.01 1.89 -21.37
CA ASN A 151 -11.81 0.91 -22.19
C ASN A 151 -13.00 0.26 -21.39
N TYR A 152 -13.38 0.90 -20.27
CA TYR A 152 -14.47 0.45 -19.36
C TYR A 152 -14.12 -0.78 -18.53
N TYR A 153 -12.88 -1.29 -18.62
CA TYR A 153 -12.54 -2.49 -17.91
C TYR A 153 -12.63 -2.24 -16.38
N GLY A 154 -13.42 -3.06 -15.68
CA GLY A 154 -13.63 -2.88 -14.21
C GLY A 154 -14.62 -1.81 -13.78
N LEU A 155 -15.14 -1.06 -14.76
CA LEU A 155 -15.93 0.15 -14.51
C LEU A 155 -17.34 -0.34 -14.26
N THR A 156 -17.86 -0.10 -13.08
CA THR A 156 -19.21 -0.61 -12.71
C THR A 156 -20.33 0.44 -12.60
N HIS A 157 -20.00 1.69 -12.33
CA HIS A 157 -20.99 2.74 -12.07
C HIS A 157 -20.51 4.10 -12.53
N PHE A 158 -21.45 4.97 -12.85
CA PHE A 158 -21.21 6.41 -13.07
C PHE A 158 -22.06 7.19 -12.11
N ILE A 159 -21.50 8.29 -11.56
CA ILE A 159 -22.31 9.17 -10.77
C ILE A 159 -22.54 10.43 -11.60
N GLU A 160 -23.81 10.62 -11.97
CA GLU A 160 -24.26 11.83 -12.65
C GLU A 160 -24.29 12.98 -11.63
N ILE A 161 -23.75 14.13 -12.03
CA ILE A 161 -23.76 15.32 -11.18
CA ILE A 161 -23.75 15.33 -11.19
C ILE A 161 -24.81 16.34 -11.67
N PRO A 162 -25.30 17.21 -10.76
CA PRO A 162 -26.28 18.24 -11.19
C PRO A 162 -25.59 19.30 -12.06
N VAL A 163 -26.30 19.79 -13.08
CA VAL A 163 -25.77 20.84 -13.96
C VAL A 163 -26.78 21.98 -14.01
N LYS A 164 -26.32 23.18 -13.68
CA LYS A 164 -27.11 24.39 -13.72
C LYS A 164 -27.26 24.86 -15.17
N ALA A 165 -28.48 25.18 -15.57
CA ALA A 165 -28.77 25.66 -16.94
C ALA A 165 -28.02 26.95 -17.28
N ALA B 2 32.58 -6.50 9.01
CA ALA B 2 31.73 -5.55 8.26
C ALA B 2 30.51 -6.29 7.70
N LYS B 3 29.44 -5.52 7.39
CA LYS B 3 28.20 -6.07 6.93
C LYS B 3 27.97 -5.71 5.48
N THR B 4 27.31 -6.59 4.75
CA THR B 4 26.94 -6.33 3.37
C THR B 4 25.73 -5.37 3.29
N GLN B 5 25.55 -4.73 2.15
CA GLN B 5 24.40 -3.88 1.92
C GLN B 5 23.12 -4.68 2.12
N ALA B 6 23.09 -5.94 1.66
CA ALA B 6 21.89 -6.76 1.86
C ALA B 6 21.59 -7.00 3.38
N GLU B 7 22.62 -7.23 4.15
CA GLU B 7 22.48 -7.38 5.62
C GLU B 7 22.00 -6.07 6.28
N ILE B 8 22.62 -4.97 5.87
CA ILE B 8 22.18 -3.66 6.34
C ILE B 8 20.72 -3.39 6.00
N ASN B 9 20.34 -3.64 4.74
CA ASN B 9 18.97 -3.36 4.35
C ASN B 9 17.94 -4.20 5.11
N LYS B 10 18.26 -5.45 5.32
CA LYS B 10 17.39 -6.33 6.10
C LYS B 10 17.22 -5.87 7.54
N ARG B 11 18.31 -5.42 8.11
CA ARG B 11 18.25 -4.89 9.47
C ARG B 11 17.37 -3.63 9.56
N LEU B 12 17.49 -2.73 8.58
CA LEU B 12 16.65 -1.50 8.61
C LEU B 12 15.18 -1.82 8.58
N ASP B 13 14.79 -2.76 7.70
CA ASP B 13 13.41 -3.16 7.67
C ASP B 13 12.95 -3.80 8.99
N ALA B 14 13.82 -4.57 9.61
CA ALA B 14 13.46 -5.26 10.83
C ALA B 14 13.33 -4.27 11.99
N TYR B 15 14.16 -3.21 11.99
CA TYR B 15 13.96 -2.11 12.99
C TYR B 15 12.54 -1.56 12.82
N ALA B 16 12.12 -1.34 11.56
CA ALA B 16 10.84 -0.59 11.31
C ALA B 16 9.67 -1.50 11.59
N LYS B 17 9.88 -2.82 11.42
CA LYS B 17 8.85 -3.82 11.75
C LYS B 17 8.75 -4.20 13.21
N GLY B 18 9.78 -3.89 14.01
CA GLY B 18 9.82 -4.32 15.38
C GLY B 18 10.25 -5.78 15.58
N THR B 19 11.04 -6.29 14.63
CA THR B 19 11.49 -7.70 14.65
C THR B 19 12.99 -7.83 14.65
N VAL B 20 13.70 -6.72 14.75
CA VAL B 20 15.17 -6.77 14.71
C VAL B 20 15.78 -7.72 15.78
N ASP B 21 16.85 -8.44 15.40
CA ASP B 21 17.57 -9.32 16.27
C ASP B 21 18.48 -8.47 17.13
N SER B 22 17.94 -7.99 18.22
CA SER B 22 18.67 -7.12 19.15
C SER B 22 18.22 -7.47 20.54
N PRO B 23 19.19 -7.58 21.47
CA PRO B 23 18.81 -7.72 22.88
C PRO B 23 18.29 -6.45 23.54
N TYR B 24 18.37 -5.31 22.84
CA TYR B 24 17.89 -4.03 23.36
C TYR B 24 16.49 -3.68 22.88
N ARG B 25 15.85 -4.55 22.11
CA ARG B 25 14.52 -4.32 21.66
C ARG B 25 13.52 -4.72 22.74
N VAL B 26 12.62 -3.81 23.08
CA VAL B 26 11.51 -4.03 24.02
C VAL B 26 10.59 -5.13 23.48
N LYS B 27 10.38 -6.17 24.29
CA LYS B 27 9.46 -7.27 23.92
C LYS B 27 8.02 -6.99 24.37
N LYS B 28 7.88 -6.43 25.55
CA LYS B 28 6.57 -6.14 26.15
C LYS B 28 6.59 -4.69 26.61
N ALA B 29 5.50 -3.94 26.39
CA ALA B 29 5.45 -2.52 26.67
C ALA B 29 6.04 -2.22 28.05
N THR B 30 7.04 -1.35 28.07
CA THR B 30 7.90 -1.16 29.24
C THR B 30 7.93 0.27 29.68
N SER B 31 7.93 0.50 31.01
CA SER B 31 8.03 1.84 31.53
CA SER B 31 7.96 1.83 31.54
C SER B 31 8.81 1.91 32.81
N TYR B 32 9.57 2.99 32.92
CA TYR B 32 10.31 3.34 34.14
C TYR B 32 10.50 4.82 34.37
N ASP B 33 10.33 5.64 33.32
CA ASP B 33 10.62 7.11 33.46
C ASP B 33 9.32 7.84 33.27
N PRO B 34 8.83 8.41 34.36
CA PRO B 34 7.53 9.08 34.32
C PRO B 34 7.41 10.29 33.36
N SER B 35 8.54 10.81 32.90
CA SER B 35 8.55 11.91 31.95
C SER B 35 8.26 11.48 30.51
N PHE B 36 8.28 10.18 30.23
CA PHE B 36 8.16 9.67 28.84
C PHE B 36 7.02 8.71 28.74
N GLY B 37 6.56 8.49 27.51
CA GLY B 37 5.52 7.54 27.29
C GLY B 37 6.02 6.13 27.41
N VAL B 38 5.11 5.22 27.73
CA VAL B 38 5.43 3.81 27.82
C VAL B 38 6.02 3.33 26.51
N MET B 39 7.16 2.62 26.56
CA MET B 39 7.81 2.17 25.33
C MET B 39 7.05 1.01 24.73
N GLU B 40 6.60 1.16 23.49
CA GLU B 40 5.97 0.05 22.81
C GLU B 40 6.94 -1.06 22.44
N ALA B 41 6.41 -2.27 22.31
CA ALA B 41 7.17 -3.38 21.73
C ALA B 41 7.80 -2.92 20.41
N GLY B 42 9.09 -3.22 20.25
CA GLY B 42 9.85 -2.76 19.13
C GLY B 42 10.78 -1.58 19.38
N ALA B 43 10.49 -0.78 20.40
CA ALA B 43 11.42 0.29 20.77
C ALA B 43 12.77 -0.25 21.19
N ILE B 44 13.82 0.53 20.92
CA ILE B 44 15.19 0.16 21.22
C ILE B 44 15.68 1.04 22.41
N ASP B 45 16.07 0.42 23.49
CA ASP B 45 16.59 1.13 24.69
C ASP B 45 17.90 0.43 25.04
N ALA B 46 19.02 1.08 24.70
CA ALA B 46 20.33 0.50 24.80
C ALA B 46 21.04 0.87 26.11
N ASP B 47 20.57 1.87 26.81
CA ASP B 47 21.29 2.37 28.05
C ASP B 47 20.50 2.21 29.36
N GLY B 48 19.21 1.94 29.26
CA GLY B 48 18.34 1.92 30.45
C GLY B 48 17.97 3.27 31.08
N TYR B 49 18.24 4.39 30.37
CA TYR B 49 17.76 5.71 30.73
C TYR B 49 16.90 6.33 29.64
N TYR B 50 15.94 7.17 30.03
CA TYR B 50 15.21 8.10 29.16
C TYR B 50 14.33 7.39 28.11
N HIS B 51 13.95 6.12 28.40
CA HIS B 51 13.17 5.35 27.41
C HIS B 51 13.89 5.32 26.04
N ALA B 52 13.15 5.38 24.93
CA ALA B 52 13.71 5.07 23.63
C ALA B 52 14.01 6.39 22.86
N GLN B 53 15.23 6.86 23.04
CA GLN B 53 15.77 8.09 22.48
C GLN B 53 16.40 7.83 21.11
N CYS B 54 16.69 8.93 20.41
CA CYS B 54 17.23 8.84 19.04
C CYS B 54 18.55 8.11 19.05
N GLN B 55 19.40 8.43 20.03
CA GLN B 55 20.73 7.80 20.06
C GLN B 55 20.71 6.28 20.38
N ASP B 56 19.70 5.80 21.12
CA ASP B 56 19.57 4.40 21.43
C ASP B 56 19.62 3.52 20.15
N LEU B 57 18.94 4.00 19.12
CA LEU B 57 18.90 3.28 17.82
C LEU B 57 20.33 3.18 17.27
N ILE B 58 21.05 4.28 17.35
CA ILE B 58 22.43 4.30 16.80
C ILE B 58 23.36 3.43 17.62
N THR B 59 23.28 3.52 18.96
CA THR B 59 24.06 2.63 19.79
C THR B 59 23.91 1.14 19.42
N ASP B 60 22.67 0.71 19.24
CA ASP B 60 22.39 -0.64 18.81
C ASP B 60 22.99 -0.95 17.41
N TYR B 61 22.76 -0.06 16.46
CA TYR B 61 23.23 -0.25 15.06
C TYR B 61 24.76 -0.31 14.97
N VAL B 62 25.45 0.55 15.71
CA VAL B 62 26.92 0.58 15.67
C VAL B 62 27.50 -0.69 16.38
N LEU B 63 26.89 -1.13 17.50
CA LEU B 63 27.25 -2.40 18.12
C LEU B 63 27.12 -3.54 17.11
N TRP B 64 26.02 -3.55 16.37
CA TRP B 64 25.86 -4.60 15.35
C TRP B 64 26.90 -4.54 14.23
N LEU B 65 27.11 -3.35 13.68
CA LEU B 65 28.08 -3.16 12.61
C LEU B 65 29.50 -3.60 12.99
N THR B 66 29.86 -3.41 14.28
CA THR B 66 31.20 -3.65 14.75
C THR B 66 31.37 -4.96 15.58
N ASP B 67 30.42 -5.87 15.46
CA ASP B 67 30.40 -7.13 16.24
C ASP B 67 30.60 -6.88 17.74
N ASN B 68 29.88 -5.89 18.26
CA ASN B 68 29.95 -5.48 19.67
C ASN B 68 31.26 -4.85 20.16
N LYS B 69 32.13 -4.45 19.25
CA LYS B 69 33.39 -3.84 19.63
C LYS B 69 33.29 -2.34 19.97
N VAL B 70 32.35 -1.63 19.37
CA VAL B 70 32.22 -0.19 19.56
C VAL B 70 30.87 0.19 20.16
N ARG B 71 30.90 0.67 21.40
CA ARG B 71 29.74 1.23 22.05
C ARG B 71 29.85 2.75 22.02
N THR B 72 28.85 3.41 21.42
CA THR B 72 28.86 4.87 21.34
C THR B 72 28.73 5.47 22.75
N TRP B 73 29.26 6.66 22.94
CA TRP B 73 29.01 7.42 24.15
C TRP B 73 28.44 8.81 23.81
N GLY B 74 27.75 9.42 24.76
CA GLY B 74 27.25 10.78 24.62
C GLY B 74 25.93 10.89 23.90
N ASN B 75 25.53 12.13 23.63
CA ASN B 75 24.25 12.48 22.99
C ASN B 75 24.41 12.45 21.48
N ALA B 76 23.32 12.66 20.79
CA ALA B 76 23.36 12.61 19.29
C ALA B 76 24.41 13.57 18.75
N LYS B 77 24.45 14.79 19.29
CA LYS B 77 25.39 15.79 18.71
C LYS B 77 26.87 15.41 18.95
N ASP B 78 27.14 14.61 19.99
CA ASP B 78 28.50 14.20 20.31
C ASP B 78 29.04 13.15 19.35
N GLN B 79 28.19 12.54 18.50
CA GLN B 79 28.66 11.48 17.65
C GLN B 79 29.72 11.94 16.65
N ILE B 80 29.66 13.19 16.24
CA ILE B 80 30.63 13.71 15.26
C ILE B 80 31.95 14.10 15.94
N LYS B 81 31.99 14.00 17.24
CA LYS B 81 33.21 14.29 18.02
C LYS B 81 34.01 13.03 18.42
N GLN B 82 33.60 11.88 17.91
CA GLN B 82 34.20 10.59 18.18
C GLN B 82 34.30 9.84 16.86
N SER B 83 35.06 8.76 16.85
CA SER B 83 35.16 7.88 15.67
C SER B 83 34.71 6.47 16.04
N TYR B 84 33.97 5.85 15.15
CA TYR B 84 33.54 4.48 15.33
C TYR B 84 34.58 3.48 14.81
N GLY B 85 35.61 4.01 14.18
CA GLY B 85 36.76 3.20 13.75
C GLY B 85 37.00 3.23 12.26
N THR B 86 37.91 2.36 11.83
CA THR B 86 38.28 2.22 10.43
C THR B 86 37.10 1.98 9.49
N GLY B 87 37.05 2.77 8.43
CA GLY B 87 36.01 2.63 7.43
C GLY B 87 34.79 3.51 7.68
N PHE B 88 34.67 4.04 8.92
CA PHE B 88 33.63 5.05 9.21
C PHE B 88 34.19 6.45 8.88
N LYS B 89 33.42 7.25 8.15
CA LYS B 89 33.89 8.56 7.72
C LYS B 89 32.81 9.59 7.97
N ILE B 90 33.19 10.69 8.59
CA ILE B 90 32.29 11.81 8.81
C ILE B 90 32.34 12.80 7.63
N HIS B 91 31.18 13.08 7.03
CA HIS B 91 31.03 14.03 5.95
C HIS B 91 30.23 15.22 6.36
N GLU B 92 30.70 16.43 6.03
CA GLU B 92 29.84 17.60 6.16
C GLU B 92 28.73 17.58 5.12
N ASN B 93 27.53 17.99 5.51
CA ASN B 93 26.42 18.04 4.57
C ASN B 93 26.53 19.35 3.78
N LYS B 94 26.96 19.24 2.54
CA LYS B 94 26.99 20.38 1.64
C LYS B 94 25.74 20.37 0.77
N PRO B 95 25.36 21.53 0.21
CA PRO B 95 24.13 21.57 -0.62
C PRO B 95 24.14 20.54 -1.77
N SER B 96 25.33 20.25 -2.25
CA SER B 96 25.57 19.15 -3.17
C SER B 96 25.39 17.72 -2.60
N THR B 97 25.52 17.55 -1.28
CA THR B 97 25.63 16.21 -0.66
C THR B 97 24.31 15.42 -0.61
N VAL B 98 24.35 14.20 -1.12
CA VAL B 98 23.22 13.27 -1.04
CA VAL B 98 23.22 13.29 -1.01
C VAL B 98 23.73 11.97 -0.40
N PRO B 99 23.04 11.48 0.65
CA PRO B 99 23.55 10.30 1.35
C PRO B 99 23.18 8.95 0.73
N LYS B 100 23.72 7.88 1.29
CA LYS B 100 23.44 6.50 0.87
C LYS B 100 22.70 5.73 1.97
N LYS B 101 21.90 4.79 1.54
CA LYS B 101 21.16 3.90 2.47
C LYS B 101 22.09 3.20 3.47
N GLY B 102 21.76 3.37 4.76
CA GLY B 102 22.60 2.85 5.83
C GLY B 102 23.53 3.85 6.49
N TRP B 103 23.77 5.01 5.85
CA TRP B 103 24.54 6.09 6.48
C TRP B 103 23.76 6.68 7.64
N ILE B 104 24.49 7.32 8.55
CA ILE B 104 23.89 7.92 9.73
C ILE B 104 23.79 9.45 9.53
N ALA B 105 22.61 9.98 9.73
CA ALA B 105 22.30 11.41 9.55
C ALA B 105 22.33 12.12 10.90
N VAL B 106 23.13 13.17 10.99
CA VAL B 106 23.35 13.87 12.29
C VAL B 106 22.92 15.34 12.18
N PHE B 107 22.00 15.72 13.05
CA PHE B 107 21.45 17.07 13.11
C PHE B 107 22.05 17.81 14.32
N THR B 108 22.74 18.93 14.06
CA THR B 108 23.35 19.71 15.15
C THR B 108 23.06 21.23 15.13
N SER B 109 22.26 21.74 14.21
CA SER B 109 22.01 23.20 14.15
C SER B 109 20.55 23.53 14.36
N GLY B 110 20.31 24.80 14.67
CA GLY B 110 18.96 25.29 14.86
C GLY B 110 18.28 24.68 16.05
N SER B 111 17.06 24.19 15.81
CA SER B 111 16.25 23.63 16.88
C SER B 111 16.85 22.33 17.45
N TYR B 112 17.79 21.74 16.73
CA TYR B 112 18.47 20.55 17.21
C TYR B 112 19.78 20.80 17.96
N GLU B 113 20.13 22.06 18.22
CA GLU B 113 21.46 22.34 18.72
C GLU B 113 21.78 21.78 20.11
N GLN B 114 20.79 21.82 21.01
CA GLN B 114 21.09 21.55 22.42
C GLN B 114 21.57 20.07 22.68
N TRP B 115 20.90 19.07 22.06
CA TRP B 115 21.26 17.66 22.24
C TRP B 115 21.62 16.97 20.95
N GLY B 116 21.25 17.57 19.84
CA GLY B 116 21.33 16.96 18.54
C GLY B 116 20.18 16.05 18.30
N HIS B 117 20.08 15.62 17.03
CA HIS B 117 19.16 14.53 16.68
C HIS B 117 19.94 13.63 15.70
N ILE B 118 19.53 12.38 15.59
CA ILE B 118 20.28 11.39 14.82
C ILE B 118 19.33 10.26 14.33
N GLY B 119 19.67 9.68 13.19
CA GLY B 119 18.93 8.54 12.64
C GLY B 119 19.69 7.91 11.50
N ILE B 120 19.03 6.96 10.84
CA ILE B 120 19.69 6.17 9.81
C ILE B 120 19.01 6.46 8.47
N VAL B 121 19.83 6.68 7.45
CA VAL B 121 19.32 6.93 6.12
C VAL B 121 18.67 5.66 5.58
N TYR B 122 17.34 5.74 5.36
CA TYR B 122 16.60 4.61 4.79
C TYR B 122 16.50 4.67 3.26
N ASP B 123 16.30 5.88 2.72
CA ASP B 123 16.34 6.10 1.28
C ASP B 123 17.09 7.39 1.07
N GLY B 124 18.16 7.32 0.25
CA GLY B 124 19.01 8.48 0.01
C GLY B 124 18.36 9.69 -0.63
N GLY B 125 17.28 9.46 -1.37
CA GLY B 125 16.45 10.52 -1.90
C GLY B 125 17.19 11.35 -2.92
N ASN B 126 16.99 12.66 -2.86
CA ASN B 126 17.69 13.62 -3.71
C ASN B 126 18.18 14.80 -2.90
N THR B 127 18.51 15.90 -3.55
CA THR B 127 19.05 17.07 -2.85
C THR B 127 17.98 17.79 -2.08
N SER B 128 16.69 17.48 -2.32
CA SER B 128 15.59 18.15 -1.64
CA SER B 128 15.59 18.13 -1.65
C SER B 128 15.09 17.39 -0.38
N THR B 129 14.84 16.08 -0.49
CA THR B 129 14.38 15.26 0.64
C THR B 129 15.06 13.88 0.67
N PHE B 130 15.03 13.23 1.82
CA PHE B 130 15.43 11.83 1.96
C PHE B 130 14.56 11.20 3.03
N THR B 131 14.56 9.88 3.11
CA THR B 131 13.81 9.15 4.12
C THR B 131 14.76 8.68 5.23
N ILE B 132 14.49 9.12 6.45
CA ILE B 132 15.23 8.71 7.63
C ILE B 132 14.46 7.61 8.42
N LEU B 133 15.19 6.74 9.11
CA LEU B 133 14.62 5.81 10.09
C LEU B 133 15.17 6.29 11.44
N GLU B 134 14.31 6.57 12.39
CA GLU B 134 14.79 7.23 13.63
C GLU B 134 13.90 6.85 14.79
N GLN B 135 14.40 7.16 15.99
CA GLN B 135 13.55 7.19 17.20
C GLN B 135 13.39 8.59 17.76
N ASN B 136 12.28 8.78 18.41
CA ASN B 136 12.02 9.93 19.24
C ASN B 136 11.94 11.31 18.52
N TRP B 137 11.49 11.31 17.26
CA TRP B 137 11.26 12.59 16.65
C TRP B 137 10.05 13.28 17.39
N ASN B 138 9.18 12.52 18.06
CA ASN B 138 8.00 13.08 18.81
C ASN B 138 8.30 13.64 20.19
N GLY B 139 9.50 13.37 20.69
CA GLY B 139 9.88 13.79 22.04
C GLY B 139 9.40 12.94 23.21
N TYR B 140 8.47 11.99 22.99
CA TYR B 140 7.86 11.16 24.05
CA TYR B 140 7.90 11.20 24.09
C TYR B 140 8.64 9.88 24.33
N ALA B 141 9.63 9.57 23.47
CA ALA B 141 10.52 8.44 23.64
C ALA B 141 9.82 7.08 23.78
N ASN B 142 8.71 6.91 23.06
CA ASN B 142 7.84 5.78 23.21
C ASN B 142 7.65 4.91 21.98
N LYS B 143 7.94 5.41 20.82
CA LYS B 143 7.73 4.63 19.60
C LYS B 143 8.97 3.85 19.17
N LYS B 144 8.69 2.80 18.40
CA LYS B 144 9.73 2.01 17.76
C LYS B 144 10.33 2.85 16.64
N PRO B 145 11.45 2.39 16.07
CA PRO B 145 12.04 3.13 14.97
C PRO B 145 11.05 3.29 13.82
N THR B 146 10.91 4.54 13.36
CA THR B 146 9.86 4.96 12.46
C THR B 146 10.44 5.78 11.30
N LYS B 147 9.97 5.52 10.07
CA LYS B 147 10.41 6.29 8.91
C LYS B 147 9.70 7.67 8.77
N ARG B 148 10.42 8.65 8.24
CA ARG B 148 9.95 10.04 8.12
C ARG B 148 10.70 10.66 6.96
N VAL B 149 10.00 11.55 6.24
CA VAL B 149 10.64 12.31 5.17
C VAL B 149 11.25 13.58 5.75
N ASP B 150 12.55 13.79 5.52
CA ASP B 150 13.29 14.96 6.03
C ASP B 150 13.72 15.84 4.85
N ASN B 151 13.73 17.16 5.11
CA ASN B 151 14.14 18.21 4.15
C ASN B 151 15.56 18.83 4.40
N TYR B 152 16.44 18.09 5.11
CA TYR B 152 17.80 18.48 5.46
C TYR B 152 17.87 19.63 6.47
N TYR B 153 16.73 20.10 6.99
CA TYR B 153 16.76 21.23 7.91
C TYR B 153 17.53 20.84 9.16
N GLY B 154 18.53 21.63 9.51
CA GLY B 154 19.36 21.37 10.73
C GLY B 154 20.41 20.27 10.61
N LEU B 155 20.47 19.59 9.44
CA LEU B 155 21.24 18.42 9.23
C LEU B 155 22.63 18.89 8.84
N THR B 156 23.63 18.60 9.67
CA THR B 156 24.99 19.11 9.42
C THR B 156 26.03 18.09 8.95
N HIS B 157 25.85 16.82 9.24
CA HIS B 157 26.82 15.77 8.94
C HIS B 157 26.15 14.45 8.62
N PHE B 158 26.85 13.63 7.83
CA PHE B 158 26.53 12.23 7.65
C PHE B 158 27.71 11.37 8.08
N ILE B 159 27.43 10.22 8.69
CA ILE B 159 28.48 9.25 9.00
C ILE B 159 28.29 8.12 8.00
N GLU B 160 29.28 8.00 7.13
CA GLU B 160 29.37 6.90 6.19
C GLU B 160 29.86 5.67 6.96
N ILE B 161 29.18 4.54 6.76
CA ILE B 161 29.56 3.28 7.42
CA ILE B 161 29.55 3.27 7.41
C ILE B 161 30.27 2.36 6.44
N PRO B 162 31.13 1.44 6.98
CA PRO B 162 31.75 0.50 6.06
C PRO B 162 30.72 -0.47 5.48
N VAL B 163 30.86 -0.81 4.21
CA VAL B 163 29.99 -1.81 3.57
C VAL B 163 30.84 -2.91 2.93
N LYS B 164 30.57 -4.14 3.31
CA LYS B 164 31.28 -5.31 2.78
C LYS B 164 30.72 -5.66 1.38
N ALA B 165 31.60 -5.88 0.41
CA ALA B 165 31.20 -6.26 -0.95
C ALA B 165 30.37 -7.54 -1.00
N ALA C 2 25.00 -11.19 -31.50
CA ALA C 2 24.77 -11.74 -30.14
C ALA C 2 25.03 -10.65 -29.11
N LYS C 3 24.56 -10.87 -27.88
CA LYS C 3 24.68 -9.91 -26.80
C LYS C 3 25.50 -10.44 -25.65
N THR C 4 26.20 -9.54 -24.96
CA THR C 4 26.98 -9.94 -23.82
C THR C 4 26.11 -10.19 -22.59
N GLN C 5 26.63 -10.91 -21.61
CA GLN C 5 25.89 -11.09 -20.35
C GLN C 5 25.57 -9.75 -19.70
N ALA C 6 26.49 -8.79 -19.76
CA ALA C 6 26.24 -7.48 -19.17
C ALA C 6 25.06 -6.78 -19.88
N GLU C 7 25.00 -6.90 -21.21
CA GLU C 7 23.90 -6.35 -21.98
C GLU C 7 22.58 -7.05 -21.63
N ILE C 8 22.63 -8.36 -21.52
CA ILE C 8 21.45 -9.15 -21.11
C ILE C 8 20.97 -8.75 -19.72
N ASN C 9 21.89 -8.67 -18.78
CA ASN C 9 21.51 -8.28 -17.42
C ASN C 9 20.88 -6.89 -17.31
N LYS C 10 21.44 -5.96 -18.04
CA LYS C 10 20.90 -4.60 -18.10
C LYS C 10 19.50 -4.55 -18.69
N ARG C 11 19.30 -5.32 -19.77
CA ARG C 11 17.99 -5.38 -20.38
C ARG C 11 16.95 -5.98 -19.42
N LEU C 12 17.30 -6.99 -18.64
CA LEU C 12 16.32 -7.57 -17.74
C LEU C 12 15.88 -6.58 -16.68
N ASP C 13 16.84 -5.82 -16.14
CA ASP C 13 16.45 -4.77 -15.20
C ASP C 13 15.59 -3.69 -15.83
N ALA C 14 15.90 -3.34 -17.08
CA ALA C 14 15.14 -2.32 -17.77
C ALA C 14 13.72 -2.83 -18.07
N TYR C 15 13.55 -4.13 -18.36
CA TYR C 15 12.16 -4.68 -18.52
C TYR C 15 11.40 -4.49 -17.23
N ALA C 16 12.03 -4.81 -16.10
CA ALA C 16 11.34 -4.73 -14.81
C ALA C 16 11.06 -3.29 -14.40
N LYS C 17 11.94 -2.36 -14.78
CA LYS C 17 11.75 -0.93 -14.47
C LYS C 17 10.80 -0.22 -15.42
N GLY C 18 10.51 -0.80 -16.60
CA GLY C 18 9.71 -0.12 -17.62
C GLY C 18 10.49 0.88 -18.46
N THR C 19 11.80 0.68 -18.57
CA THR C 19 12.67 1.59 -19.32
C THR C 19 13.36 0.95 -20.50
N VAL C 20 13.02 -0.30 -20.81
CA VAL C 20 13.68 -1.04 -21.87
C VAL C 20 13.58 -0.34 -23.22
N ASP C 21 14.67 -0.37 -23.98
CA ASP C 21 14.73 0.20 -25.30
C ASP C 21 14.04 -0.78 -26.24
N SER C 22 12.73 -0.62 -26.36
CA SER C 22 11.91 -1.46 -27.25
C SER C 22 10.84 -0.64 -27.89
N PRO C 23 10.56 -0.84 -29.22
CA PRO C 23 9.45 -0.19 -29.87
C PRO C 23 8.12 -0.86 -29.58
N TYR C 24 8.15 -1.97 -28.85
CA TYR C 24 6.95 -2.64 -28.40
C TYR C 24 6.56 -2.34 -26.96
N ARG C 25 7.34 -1.51 -26.26
CA ARG C 25 6.99 -1.07 -24.93
C ARG C 25 5.95 0.06 -25.01
N VAL C 26 4.84 -0.13 -24.30
CA VAL C 26 3.83 0.87 -24.11
C VAL C 26 4.38 2.12 -23.40
N LYS C 27 4.20 3.29 -24.00
CA LYS C 27 4.68 4.58 -23.43
C LYS C 27 3.61 5.29 -22.64
N LYS C 28 2.40 5.17 -23.09
CA LYS C 28 1.23 5.78 -22.46
CA LYS C 28 1.25 5.77 -22.44
C LYS C 28 0.14 4.73 -22.40
N ALA C 29 -0.57 4.67 -21.28
CA ALA C 29 -1.63 3.64 -21.07
C ALA C 29 -2.50 3.37 -22.29
N THR C 30 -2.51 2.14 -22.77
CA THR C 30 -3.02 1.81 -24.11
C THR C 30 -4.07 0.71 -24.03
N SER C 31 -5.14 0.84 -24.84
CA SER C 31 -6.09 -0.24 -24.95
C SER C 31 -6.60 -0.42 -26.41
N TYR C 32 -7.04 -1.63 -26.68
CA TYR C 32 -7.83 -1.97 -27.88
C TYR C 32 -8.80 -3.16 -27.68
N ASP C 33 -8.70 -3.83 -26.56
CA ASP C 33 -9.50 -5.06 -26.29
C ASP C 33 -10.31 -4.82 -25.00
N PRO C 34 -11.66 -4.85 -25.10
CA PRO C 34 -12.49 -4.62 -23.91
C PRO C 34 -12.38 -5.71 -22.83
N SER C 35 -11.81 -6.85 -23.16
CA SER C 35 -11.70 -8.01 -22.27
CA SER C 35 -11.76 -8.00 -22.22
C SER C 35 -10.47 -8.06 -21.38
N PHE C 36 -9.55 -7.13 -21.58
CA PHE C 36 -8.32 -7.02 -20.79
C PHE C 36 -8.16 -5.65 -20.19
N GLY C 37 -7.38 -5.57 -19.11
CA GLY C 37 -7.14 -4.31 -18.51
C GLY C 37 -6.28 -3.41 -19.39
N VAL C 38 -6.49 -2.12 -19.25
CA VAL C 38 -5.69 -1.12 -20.00
C VAL C 38 -4.21 -1.39 -19.68
N MET C 39 -3.38 -1.44 -20.71
CA MET C 39 -1.93 -1.72 -20.53
C MET C 39 -1.17 -0.52 -19.94
N GLU C 40 -0.49 -0.70 -18.82
CA GLU C 40 0.27 0.37 -18.22
C GLU C 40 1.57 0.62 -19.02
N ALA C 41 2.07 1.84 -18.88
CA ALA C 41 3.42 2.12 -19.34
C ALA C 41 4.41 1.04 -18.84
N GLY C 42 5.21 0.56 -19.76
CA GLY C 42 6.18 -0.50 -19.48
C GLY C 42 5.75 -1.87 -20.03
N ALA C 43 4.47 -2.11 -20.17
CA ALA C 43 3.97 -3.36 -20.77
C ALA C 43 4.50 -3.55 -22.19
N ILE C 44 4.71 -4.82 -22.53
CA ILE C 44 5.28 -5.18 -23.82
C ILE C 44 4.16 -5.82 -24.63
N ASP C 45 3.89 -5.30 -25.81
CA ASP C 45 2.89 -5.92 -26.71
C ASP C 45 3.49 -5.97 -28.08
N ALA C 46 3.86 -7.17 -28.50
CA ALA C 46 4.64 -7.35 -29.71
C ALA C 46 3.80 -7.78 -30.89
N ASP C 47 2.58 -8.22 -30.66
CA ASP C 47 1.73 -8.73 -31.80
C ASP C 47 0.49 -7.85 -32.12
N GLY C 48 0.15 -6.97 -31.21
CA GLY C 48 -1.07 -6.15 -31.36
C GLY C 48 -2.37 -6.85 -31.05
N TYR C 49 -2.29 -8.07 -30.46
CA TYR C 49 -3.48 -8.79 -29.97
C TYR C 49 -3.37 -9.07 -28.47
N TYR C 50 -4.53 -9.14 -27.77
CA TYR C 50 -4.65 -9.66 -26.41
C TYR C 50 -3.96 -8.84 -25.34
N HIS C 51 -3.64 -7.56 -25.66
CA HIS C 51 -2.86 -6.73 -24.71
C HIS C 51 -1.49 -7.42 -24.38
N ALA C 52 -1.02 -7.39 -23.12
CA ALA C 52 0.36 -7.78 -22.81
C ALA C 52 0.37 -9.17 -22.13
N GLN C 53 0.55 -10.18 -22.99
CA GLN C 53 0.61 -11.59 -22.59
C GLN C 53 2.04 -12.07 -22.34
N CYS C 54 2.18 -13.30 -21.81
CA CYS C 54 3.51 -13.83 -21.47
C CYS C 54 4.41 -13.88 -22.69
N GLN C 55 3.88 -14.36 -23.82
CA GLN C 55 4.78 -14.58 -24.98
C GLN C 55 5.28 -13.28 -25.59
N ASP C 56 4.48 -12.21 -25.44
CA ASP C 56 4.91 -10.88 -25.91
C ASP C 56 6.35 -10.51 -25.48
N LEU C 57 6.62 -10.73 -24.21
CA LEU C 57 7.94 -10.45 -23.65
C LEU C 57 9.04 -11.23 -24.37
N ILE C 58 8.76 -12.49 -24.66
CA ILE C 58 9.74 -13.35 -25.34
C ILE C 58 9.92 -12.95 -26.81
N THR C 59 8.83 -12.64 -27.48
CA THR C 59 8.94 -12.10 -28.89
C THR C 59 9.86 -10.88 -28.98
N ASP C 60 9.68 -9.93 -28.06
CA ASP C 60 10.59 -8.78 -27.99
C ASP C 60 12.05 -9.19 -27.70
N TYR C 61 12.24 -9.98 -26.64
CA TYR C 61 13.61 -10.43 -26.23
C TYR C 61 14.36 -11.16 -27.36
N VAL C 62 13.68 -12.05 -28.05
CA VAL C 62 14.32 -12.80 -29.13
C VAL C 62 14.65 -11.91 -30.34
N LEU C 63 13.74 -10.98 -30.70
CA LEU C 63 14.05 -9.97 -31.71
C LEU C 63 15.30 -9.18 -31.35
N TRP C 64 15.43 -8.79 -30.07
CA TRP C 64 16.61 -8.05 -29.65
C TRP C 64 17.87 -8.89 -29.72
N LEU C 65 17.81 -10.11 -29.21
CA LEU C 65 18.96 -11.01 -29.23
C LEU C 65 19.45 -11.27 -30.63
N THR C 66 18.54 -11.31 -31.61
CA THR C 66 18.90 -11.71 -32.99
C THR C 66 18.93 -10.55 -33.99
N ASP C 67 19.03 -9.32 -33.49
CA ASP C 67 19.04 -8.12 -34.34
C ASP C 67 17.87 -8.11 -35.32
N ASN C 68 16.69 -8.44 -34.80
CA ASN C 68 15.44 -8.45 -35.56
C ASN C 68 15.32 -9.50 -36.66
N LYS C 69 16.21 -10.47 -36.65
CA LYS C 69 16.18 -11.54 -37.66
C LYS C 69 15.19 -12.64 -37.34
N VAL C 70 14.94 -12.88 -36.06
CA VAL C 70 14.04 -13.95 -35.67
C VAL C 70 12.82 -13.45 -34.91
N ARG C 71 11.67 -13.62 -35.52
CA ARG C 71 10.39 -13.36 -34.85
C ARG C 71 9.73 -14.68 -34.48
N THR C 72 9.44 -14.85 -33.20
CA THR C 72 8.78 -16.08 -32.73
C THR C 72 7.36 -16.20 -33.31
N TRP C 73 6.89 -17.42 -33.46
CA TRP C 73 5.51 -17.69 -33.85
C TRP C 73 4.87 -18.55 -32.79
N GLY C 74 3.55 -18.45 -32.67
CA GLY C 74 2.80 -19.30 -31.80
C GLY C 74 2.72 -18.85 -30.36
N ASN C 75 2.10 -19.71 -29.56
CA ASN C 75 1.91 -19.51 -28.15
C ASN C 75 3.15 -19.91 -27.35
N ALA C 76 3.12 -19.65 -26.05
CA ALA C 76 4.21 -19.99 -25.18
C ALA C 76 4.65 -21.46 -25.36
N LYS C 77 3.68 -22.37 -25.35
CA LYS C 77 4.04 -23.80 -25.44
C LYS C 77 4.70 -24.18 -26.79
N ASP C 78 4.43 -23.40 -27.83
CA ASP C 78 4.98 -23.70 -29.18
C ASP C 78 6.45 -23.32 -29.29
N GLN C 79 7.00 -22.62 -28.28
CA GLN C 79 8.38 -22.18 -28.43
C GLN C 79 9.40 -23.33 -28.43
N ILE C 80 9.05 -24.44 -27.82
CA ILE C 80 9.95 -25.62 -27.84
C ILE C 80 9.79 -26.46 -29.13
N LYS C 81 8.90 -26.01 -30.01
CA LYS C 81 8.66 -26.67 -31.32
C LYS C 81 9.28 -25.94 -32.48
N GLN C 82 10.10 -24.95 -32.17
CA GLN C 82 10.80 -24.14 -33.15
C GLN C 82 12.22 -23.87 -32.64
N SER C 83 13.08 -23.39 -33.53
CA SER C 83 14.44 -22.98 -33.16
C SER C 83 14.65 -21.52 -33.46
N TYR C 84 15.28 -20.82 -32.52
CA TYR C 84 15.63 -19.43 -32.71
C TYR C 84 16.97 -19.26 -33.44
N GLY C 85 17.63 -20.38 -33.73
CA GLY C 85 18.84 -20.38 -34.56
C GLY C 85 20.07 -20.90 -33.86
N THR C 86 21.20 -20.69 -34.51
CA THR C 86 22.49 -21.10 -34.01
C THR C 86 22.79 -20.56 -32.63
N GLY C 87 23.18 -21.44 -31.72
CA GLY C 87 23.59 -21.04 -30.39
C GLY C 87 22.47 -21.10 -29.38
N PHE C 88 21.23 -21.21 -29.86
CA PHE C 88 20.10 -21.46 -28.95
C PHE C 88 19.94 -22.95 -28.78
N LYS C 89 19.78 -23.39 -27.54
CA LYS C 89 19.61 -24.79 -27.25
C LYS C 89 18.44 -25.03 -26.34
N ILE C 90 17.61 -25.99 -26.68
CA ILE C 90 16.49 -26.40 -25.83
C ILE C 90 16.91 -27.55 -24.88
N HIS C 91 16.74 -27.32 -23.58
CA HIS C 91 17.06 -28.29 -22.53
C HIS C 91 15.80 -28.76 -21.84
N GLU C 92 15.65 -30.08 -21.67
CA GLU C 92 14.63 -30.58 -20.77
C GLU C 92 14.98 -30.22 -19.32
N ASN C 93 13.98 -29.88 -18.53
CA ASN C 93 14.17 -29.57 -17.11
C ASN C 93 14.21 -30.89 -16.33
N LYS C 94 15.40 -31.32 -15.97
CA LYS C 94 15.56 -32.51 -15.13
C LYS C 94 15.68 -32.08 -13.67
N PRO C 95 15.39 -33.01 -12.73
CA PRO C 95 15.43 -32.62 -11.31
C PRO C 95 16.79 -32.04 -10.92
N SER C 96 17.83 -32.51 -11.61
CA SER C 96 19.18 -31.94 -11.54
C SER C 96 19.33 -30.50 -12.09
N THR C 97 18.45 -30.09 -13.02
CA THR C 97 18.69 -28.89 -13.84
C THR C 97 18.47 -27.58 -13.09
N VAL C 98 19.46 -26.71 -13.14
CA VAL C 98 19.36 -25.35 -12.63
C VAL C 98 19.75 -24.37 -13.76
N PRO C 99 18.89 -23.39 -14.05
CA PRO C 99 19.14 -22.54 -15.22
C PRO C 99 20.12 -21.41 -14.96
N LYS C 100 20.44 -20.65 -16.01
CA LYS C 100 21.29 -19.47 -15.92
C LYS C 100 20.47 -18.20 -16.24
N LYS C 101 20.92 -17.10 -15.66
CA LYS C 101 20.33 -15.80 -15.91
C LYS C 101 20.28 -15.45 -17.43
N GLY C 102 19.09 -15.10 -17.90
CA GLY C 102 18.89 -14.80 -19.31
C GLY C 102 18.31 -15.94 -20.10
N TRP C 103 18.35 -17.15 -19.57
CA TRP C 103 17.70 -18.29 -20.26
C TRP C 103 16.18 -18.09 -20.21
N ILE C 104 15.47 -18.79 -21.09
CA ILE C 104 14.04 -18.72 -21.18
C ILE C 104 13.40 -19.96 -20.58
N ALA C 105 12.46 -19.73 -19.67
CA ALA C 105 11.78 -20.81 -18.91
C ALA C 105 10.44 -21.09 -19.52
N VAL C 106 10.19 -22.37 -19.89
CA VAL C 106 8.96 -22.74 -20.61
C VAL C 106 8.14 -23.75 -19.81
N PHE C 107 6.89 -23.40 -19.53
CA PHE C 107 5.95 -24.20 -18.78
C PHE C 107 4.95 -24.82 -19.77
N THR C 108 4.87 -26.17 -19.80
CA THR C 108 3.96 -26.84 -20.73
C THR C 108 3.06 -27.95 -20.11
N SER C 109 3.16 -28.19 -18.81
CA SER C 109 2.40 -29.29 -18.21
C SER C 109 1.45 -28.77 -17.16
N GLY C 110 0.50 -29.63 -16.81
CA GLY C 110 -0.43 -29.34 -15.75
C GLY C 110 -1.35 -28.18 -16.12
N SER C 111 -1.45 -27.23 -15.21
CA SER C 111 -2.38 -26.12 -15.40
C SER C 111 -1.93 -25.23 -16.56
N TYR C 112 -0.66 -25.35 -16.98
CA TYR C 112 -0.15 -24.55 -18.08
C TYR C 112 -0.31 -25.24 -19.45
N GLU C 113 -0.99 -26.38 -19.52
CA GLU C 113 -0.91 -27.17 -20.76
C GLU C 113 -1.56 -26.56 -21.97
N GLN C 114 -2.67 -25.85 -21.78
CA GLN C 114 -3.46 -25.46 -22.92
C GLN C 114 -2.73 -24.44 -23.86
N TRP C 115 -2.12 -23.42 -23.25
CA TRP C 115 -1.34 -22.41 -24.02
C TRP C 115 0.13 -22.32 -23.67
N GLY C 116 0.51 -22.91 -22.54
CA GLY C 116 1.82 -22.73 -21.99
C GLY C 116 1.93 -21.46 -21.21
N HIS C 117 3.01 -21.35 -20.46
CA HIS C 117 3.47 -20.09 -19.88
C HIS C 117 4.96 -19.99 -20.13
N ILE C 118 5.49 -18.77 -20.08
CA ILE C 118 6.88 -18.54 -20.46
C ILE C 118 7.37 -17.25 -19.79
N GLY C 119 8.68 -17.18 -19.60
CA GLY C 119 9.35 -16.02 -18.99
C GLY C 119 10.84 -16.13 -19.09
N ILE C 120 11.56 -15.17 -18.51
CA ILE C 120 13.01 -15.12 -18.59
C ILE C 120 13.61 -15.35 -17.20
N VAL C 121 14.64 -16.19 -17.13
CA VAL C 121 15.30 -16.45 -15.88
C VAL C 121 16.02 -15.21 -15.43
N TYR C 122 15.62 -14.69 -14.27
CA TYR C 122 16.26 -13.50 -13.69
C TYR C 122 17.37 -13.86 -12.68
N ASP C 123 17.11 -14.88 -11.88
CA ASP C 123 18.12 -15.44 -10.99
C ASP C 123 17.96 -16.93 -11.05
N GLY C 124 19.06 -17.60 -11.35
CA GLY C 124 19.06 -19.07 -11.52
C GLY C 124 18.69 -19.90 -10.32
N GLY C 125 18.90 -19.34 -9.12
CA GLY C 125 18.39 -19.92 -7.89
C GLY C 125 19.07 -21.26 -7.62
N ASN C 126 18.28 -22.23 -7.20
CA ASN C 126 18.76 -23.57 -6.88
C ASN C 126 17.77 -24.61 -7.39
N THR C 127 17.86 -25.86 -6.92
CA THR C 127 17.00 -26.91 -7.38
C THR C 127 15.60 -26.80 -6.85
N SER C 128 15.40 -25.94 -5.85
CA SER C 128 14.08 -25.75 -5.25
C SER C 128 13.28 -24.58 -5.87
N THR C 129 13.91 -23.43 -6.00
CA THR C 129 13.25 -22.23 -6.58
C THR C 129 14.21 -21.44 -7.49
N PHE C 130 13.64 -20.59 -8.35
CA PHE C 130 14.42 -19.60 -9.07
C PHE C 130 13.51 -18.38 -9.25
N THR C 131 14.10 -17.29 -9.71
CA THR C 131 13.36 -16.06 -9.92
C THR C 131 13.16 -15.86 -11.41
N ILE C 132 11.90 -15.71 -11.79
CA ILE C 132 11.49 -15.50 -13.20
C ILE C 132 11.07 -14.04 -13.41
N LEU C 133 11.21 -13.55 -14.63
CA LEU C 133 10.70 -12.22 -15.03
C LEU C 133 9.73 -12.53 -16.14
N GLU C 134 8.47 -12.13 -15.97
CA GLU C 134 7.43 -12.60 -16.89
C GLU C 134 6.32 -11.54 -17.01
N GLN C 135 5.49 -11.69 -18.03
CA GLN C 135 4.23 -10.97 -18.14
C GLN C 135 3.03 -11.86 -17.85
N ASN C 136 1.99 -11.18 -17.36
CA ASN C 136 0.65 -11.71 -17.28
C ASN C 136 0.45 -12.87 -16.31
N TRP C 137 1.19 -12.87 -15.20
CA TRP C 137 0.88 -13.74 -14.07
C TRP C 137 -0.53 -13.45 -13.54
N ASN C 138 -0.96 -12.18 -13.59
CA ASN C 138 -2.29 -11.84 -13.04
C ASN C 138 -3.51 -12.15 -13.91
N GLY C 139 -3.28 -12.51 -15.15
CA GLY C 139 -4.34 -12.81 -16.10
C GLY C 139 -5.08 -11.64 -16.77
N TYR C 140 -4.79 -10.40 -16.34
CA TYR C 140 -5.47 -9.18 -16.86
C TYR C 140 -4.72 -8.53 -18.05
N ALA C 141 -3.51 -9.02 -18.33
CA ALA C 141 -2.74 -8.61 -19.48
C ALA C 141 -2.43 -7.11 -19.52
N ASN C 142 -2.21 -6.55 -18.33
CA ASN C 142 -2.06 -5.13 -18.19
C ASN C 142 -0.74 -4.65 -17.59
N LYS C 143 0.03 -5.51 -16.93
CA LYS C 143 1.20 -5.05 -16.20
C LYS C 143 2.47 -5.26 -16.98
N LYS C 144 3.46 -4.46 -16.64
CA LYS C 144 4.78 -4.58 -17.21
C LYS C 144 5.45 -5.87 -16.69
N PRO C 145 6.55 -6.27 -17.30
CA PRO C 145 7.27 -7.47 -16.81
C PRO C 145 7.61 -7.38 -15.31
N THR C 146 7.29 -8.44 -14.58
CA THR C 146 7.34 -8.45 -13.11
C THR C 146 8.04 -9.75 -12.61
N LYS C 147 8.89 -9.62 -11.58
CA LYS C 147 9.61 -10.78 -11.05
C LYS C 147 8.71 -11.59 -10.10
N ARG C 148 8.97 -12.90 -10.03
CA ARG C 148 8.23 -13.85 -9.18
C ARG C 148 9.17 -15.02 -8.86
N VAL C 149 9.07 -15.54 -7.63
CA VAL C 149 9.77 -16.76 -7.27
C VAL C 149 8.95 -17.97 -7.68
N ASP C 150 9.54 -18.84 -8.50
CA ASP C 150 8.85 -20.02 -9.03
C ASP C 150 9.50 -21.30 -8.44
N ASN C 151 8.65 -22.31 -8.25
CA ASN C 151 9.07 -23.63 -7.67
C ASN C 151 9.18 -24.77 -8.68
N TYR C 152 9.31 -24.41 -9.97
CA TYR C 152 9.45 -25.33 -11.09
C TYR C 152 8.19 -26.11 -11.41
N TYR C 153 7.09 -25.82 -10.73
CA TYR C 153 5.86 -26.52 -11.03
C TYR C 153 5.46 -26.31 -12.49
N GLY C 154 5.22 -27.38 -13.24
CA GLY C 154 4.78 -27.28 -14.65
C GLY C 154 5.87 -26.88 -15.65
N LEU C 155 7.09 -26.64 -15.15
CA LEU C 155 8.21 -26.14 -15.96
C LEU C 155 8.90 -27.33 -16.62
N THR C 156 8.83 -27.41 -17.95
CA THR C 156 9.34 -28.58 -18.65
C THR C 156 10.65 -28.38 -19.42
N HIS C 157 10.97 -27.15 -19.82
CA HIS C 157 12.13 -26.88 -20.66
C HIS C 157 12.74 -25.52 -20.35
N PHE C 158 14.03 -25.39 -20.62
CA PHE C 158 14.72 -24.11 -20.67
C PHE C 158 15.32 -23.90 -22.03
N ILE C 159 15.29 -22.66 -22.54
CA ILE C 159 15.98 -22.34 -23.76
C ILE C 159 17.20 -21.54 -23.40
N GLU C 160 18.36 -22.15 -23.63
CA GLU C 160 19.64 -21.49 -23.48
C GLU C 160 19.86 -20.54 -24.63
N ILE C 161 20.29 -19.33 -24.33
CA ILE C 161 20.54 -18.34 -25.38
C ILE C 161 22.06 -18.19 -25.64
N PRO C 162 22.45 -17.78 -26.87
CA PRO C 162 23.87 -17.43 -27.09
C PRO C 162 24.32 -16.18 -26.31
N VAL C 163 25.56 -16.21 -25.84
CA VAL C 163 26.13 -15.09 -25.07
C VAL C 163 27.45 -14.72 -25.71
N LYS C 164 27.60 -13.46 -26.06
CA LYS C 164 28.81 -12.91 -26.65
C LYS C 164 29.84 -12.65 -25.57
N ALA C 165 31.10 -13.00 -25.89
CA ALA C 165 32.24 -12.66 -25.04
C ALA C 165 32.38 -11.16 -24.83
N ALA D 2 -35.65 -6.90 14.39
CA ALA D 2 -34.84 -6.48 15.57
C ALA D 2 -34.62 -7.68 16.49
N LYS D 3 -33.63 -7.57 17.39
CA LYS D 3 -33.27 -8.65 18.29
C LYS D 3 -33.54 -8.24 19.73
N THR D 4 -33.86 -9.21 20.57
CA THR D 4 -34.03 -8.96 22.01
C THR D 4 -32.70 -8.79 22.72
N GLN D 5 -32.72 -8.20 23.90
CA GLN D 5 -31.49 -8.12 24.71
C GLN D 5 -30.92 -9.49 25.04
N ALA D 6 -31.80 -10.46 25.33
CA ALA D 6 -31.33 -11.82 25.59
C ALA D 6 -30.59 -12.38 24.34
N GLU D 7 -31.13 -12.13 23.16
CA GLU D 7 -30.50 -12.61 21.91
C GLU D 7 -29.15 -11.92 21.69
N ILE D 8 -29.13 -10.62 21.93
CA ILE D 8 -27.89 -9.86 21.86
C ILE D 8 -26.84 -10.42 22.86
N ASN D 9 -27.26 -10.61 24.11
CA ASN D 9 -26.30 -11.05 25.12
C ASN D 9 -25.70 -12.42 24.82
N LYS D 10 -26.56 -13.32 24.33
CA LYS D 10 -26.12 -14.65 23.92
C LYS D 10 -25.09 -14.56 22.79
N ARG D 11 -25.39 -13.69 21.83
CA ARG D 11 -24.47 -13.53 20.70
C ARG D 11 -23.12 -12.99 21.15
N LEU D 12 -23.09 -12.05 22.09
CA LEU D 12 -21.79 -11.52 22.53
C LEU D 12 -20.92 -12.59 23.20
N ASP D 13 -21.53 -13.41 24.04
CA ASP D 13 -20.80 -14.54 24.64
C ASP D 13 -20.33 -15.52 23.59
N ALA D 14 -21.16 -15.77 22.59
CA ALA D 14 -20.78 -16.68 21.53
C ALA D 14 -19.62 -16.14 20.67
N TYR D 15 -19.59 -14.82 20.40
CA TYR D 15 -18.39 -14.24 19.74
C TYR D 15 -17.15 -14.51 20.56
N ALA D 16 -17.20 -14.26 21.87
CA ALA D 16 -16.04 -14.43 22.72
C ALA D 16 -15.63 -15.92 22.86
N LYS D 17 -16.59 -16.83 22.80
CA LYS D 17 -16.31 -18.27 22.87
C LYS D 17 -15.89 -18.89 21.53
N GLY D 18 -16.15 -18.22 20.41
CA GLY D 18 -15.89 -18.79 19.09
C GLY D 18 -16.96 -19.72 18.58
N THR D 19 -18.19 -19.55 19.07
CA THR D 19 -19.30 -20.41 18.70
C THR D 19 -20.43 -19.70 18.00
N VAL D 20 -20.24 -18.42 17.66
CA VAL D 20 -21.30 -17.60 17.12
C VAL D 20 -21.83 -18.20 15.80
N ASP D 21 -23.13 -18.16 15.62
CA ASP D 21 -23.78 -18.60 14.39
C ASP D 21 -23.59 -17.54 13.30
N SER D 22 -22.46 -17.65 12.59
CA SER D 22 -22.08 -16.67 11.55
C SER D 22 -21.39 -17.36 10.43
N PRO D 23 -21.80 -17.09 9.16
CA PRO D 23 -21.07 -17.64 8.02
C PRO D 23 -19.74 -16.93 7.74
N TYR D 24 -19.41 -15.92 8.55
CA TYR D 24 -18.10 -15.21 8.43
C TYR D 24 -17.11 -15.63 9.54
N ARG D 25 -17.51 -16.57 10.41
CA ARG D 25 -16.63 -17.11 11.46
C ARG D 25 -15.76 -18.20 10.85
N VAL D 26 -14.47 -18.01 11.00
CA VAL D 26 -13.47 -19.00 10.65
C VAL D 26 -13.69 -20.32 11.41
N LYS D 27 -13.82 -21.43 10.67
CA LYS D 27 -14.02 -22.78 11.23
C LYS D 27 -12.73 -23.53 11.45
N LYS D 28 -11.79 -23.35 10.54
CA LYS D 28 -10.50 -24.01 10.53
C LYS D 28 -9.46 -22.94 10.17
N ALA D 29 -8.33 -22.95 10.88
CA ALA D 29 -7.27 -21.90 10.71
C ALA D 29 -6.99 -21.52 9.25
N THR D 30 -7.20 -20.23 8.92
CA THR D 30 -7.38 -19.77 7.54
C THR D 30 -6.39 -18.65 7.24
N SER D 31 -5.84 -18.67 6.05
CA SER D 31 -4.96 -17.60 5.57
C SER D 31 -5.11 -17.31 4.07
N TYR D 32 -4.81 -16.05 3.72
CA TYR D 32 -4.64 -15.63 2.35
C TYR D 32 -3.70 -14.45 2.20
N ASP D 33 -3.25 -13.87 3.30
CA ASP D 33 -2.42 -12.66 3.27
C ASP D 33 -1.12 -12.97 4.08
N PRO D 34 0.05 -12.88 3.43
CA PRO D 34 1.32 -13.22 4.08
C PRO D 34 1.67 -12.22 5.18
N SER D 35 1.01 -11.08 5.21
CA SER D 35 1.36 -10.00 6.18
C SER D 35 0.67 -10.05 7.51
N PHE D 36 -0.26 -10.98 7.67
CA PHE D 36 -1.01 -11.13 8.91
C PHE D 36 -0.86 -12.53 9.41
N GLY D 37 -1.09 -12.74 10.71
CA GLY D 37 -1.11 -14.06 11.26
C GLY D 37 -2.28 -14.91 10.73
N VAL D 38 -2.09 -16.23 10.70
CA VAL D 38 -3.12 -17.19 10.25
C VAL D 38 -4.29 -17.03 11.21
N MET D 39 -5.48 -16.90 10.65
CA MET D 39 -6.67 -16.65 11.51
C MET D 39 -7.08 -17.92 12.24
N GLU D 40 -7.21 -17.86 13.57
CA GLU D 40 -7.70 -18.99 14.37
C GLU D 40 -9.19 -19.17 14.22
N ALA D 41 -9.63 -20.40 14.43
CA ALA D 41 -11.06 -20.66 14.59
C ALA D 41 -11.72 -19.68 15.54
N GLY D 42 -12.84 -19.14 15.10
CA GLY D 42 -13.54 -18.12 15.88
C GLY D 42 -13.37 -16.71 15.36
N ALA D 43 -12.26 -16.45 14.66
CA ALA D 43 -12.10 -15.12 14.06
C ALA D 43 -13.19 -14.79 13.06
N ILE D 44 -13.57 -13.51 12.99
CA ILE D 44 -14.59 -13.05 12.08
C ILE D 44 -13.94 -12.30 10.91
N ASP D 45 -14.19 -12.75 9.66
CA ASP D 45 -13.67 -12.05 8.48
C ASP D 45 -14.85 -11.88 7.52
N ALA D 46 -15.36 -10.64 7.44
CA ALA D 46 -16.55 -10.37 6.68
C ALA D 46 -16.34 -9.85 5.29
N ASP D 47 -15.13 -9.40 4.96
CA ASP D 47 -14.87 -8.80 3.64
C ASP D 47 -13.86 -9.56 2.79
N GLY D 48 -13.15 -10.51 3.37
CA GLY D 48 -12.18 -11.29 2.62
C GLY D 48 -10.88 -10.55 2.33
N TYR D 49 -10.61 -9.44 3.03
CA TYR D 49 -9.37 -8.74 2.97
C TYR D 49 -8.81 -8.56 4.39
N TYR D 50 -7.47 -8.54 4.44
CA TYR D 50 -6.75 -8.13 5.71
C TYR D 50 -6.94 -9.05 6.93
N HIS D 51 -7.39 -10.28 6.71
CA HIS D 51 -7.66 -11.23 7.79
C HIS D 51 -8.72 -10.63 8.76
N ALA D 52 -8.54 -10.72 10.07
CA ALA D 52 -9.64 -10.42 11.00
C ALA D 52 -9.35 -9.12 11.71
N GLN D 53 -9.93 -8.05 11.16
CA GLN D 53 -9.76 -6.70 11.64
C GLN D 53 -10.93 -6.28 12.56
N CYS D 54 -10.77 -5.11 13.17
CA CYS D 54 -11.83 -4.62 14.07
C CYS D 54 -13.18 -4.47 13.39
N GLN D 55 -13.20 -3.88 12.20
CA GLN D 55 -14.52 -3.59 11.55
C GLN D 55 -15.25 -4.86 11.10
N ASP D 56 -14.48 -5.92 10.83
CA ASP D 56 -15.09 -7.21 10.48
C ASP D 56 -16.19 -7.64 11.49
N LEU D 57 -15.88 -7.50 12.77
CA LEU D 57 -16.81 -7.90 13.79
C LEU D 57 -18.11 -7.10 13.68
N ILE D 58 -17.96 -5.80 13.46
CA ILE D 58 -19.12 -4.91 13.38
C ILE D 58 -19.94 -5.21 12.12
N THR D 59 -19.27 -5.43 11.01
CA THR D 59 -20.02 -5.82 9.78
C THR D 59 -20.90 -7.04 10.04
N ASP D 60 -20.33 -8.07 10.64
CA ASP D 60 -21.14 -9.26 11.00
C ASP D 60 -22.31 -8.96 11.92
N TYR D 61 -22.03 -8.24 13.01
CA TYR D 61 -23.03 -7.90 13.98
C TYR D 61 -24.22 -7.09 13.40
N VAL D 62 -23.92 -6.11 12.56
CA VAL D 62 -24.96 -5.26 11.96
C VAL D 62 -25.77 -6.06 10.92
N LEU D 63 -25.10 -6.93 10.16
CA LEU D 63 -25.83 -7.86 9.25
C LEU D 63 -26.83 -8.70 10.07
N TRP D 64 -26.37 -9.22 11.21
CA TRP D 64 -27.27 -10.07 12.05
C TRP D 64 -28.42 -9.25 12.60
N LEU D 65 -28.13 -8.07 13.15
CA LEU D 65 -29.16 -7.19 13.73
C LEU D 65 -30.22 -6.78 12.72
N THR D 66 -29.86 -6.65 11.44
CA THR D 66 -30.76 -6.19 10.41
C THR D 66 -31.23 -7.27 9.43
N ASP D 67 -31.11 -8.55 9.80
CA ASP D 67 -31.51 -9.66 8.94
C ASP D 67 -30.89 -9.54 7.56
N ASN D 68 -29.59 -9.24 7.54
CA ASN D 68 -28.81 -9.10 6.31
C ASN D 68 -29.19 -7.94 5.38
N LYS D 69 -29.99 -7.00 5.87
CA LYS D 69 -30.39 -5.85 5.07
C LYS D 69 -29.36 -4.75 4.99
N VAL D 70 -28.56 -4.59 6.04
CA VAL D 70 -27.56 -3.53 6.10
C VAL D 70 -26.14 -4.08 6.21
N ARG D 71 -25.35 -3.86 5.15
CA ARG D 71 -23.92 -4.15 5.14
C ARG D 71 -23.14 -2.84 5.29
N THR D 72 -22.32 -2.75 6.34
CA THR D 72 -21.52 -1.55 6.55
C THR D 72 -20.51 -1.36 5.37
N TRP D 73 -20.13 -0.11 5.13
CA TRP D 73 -19.05 0.26 4.22
C TRP D 73 -17.99 1.00 4.97
N GLY D 74 -16.76 0.94 4.46
CA GLY D 74 -15.69 1.73 5.01
C GLY D 74 -14.99 1.17 6.23
N ASN D 75 -14.10 1.98 6.75
CA ASN D 75 -13.31 1.66 7.91
C ASN D 75 -14.06 1.94 9.20
N ALA D 76 -13.45 1.58 10.31
CA ALA D 76 -14.03 1.85 11.62
C ALA D 76 -14.48 3.30 11.76
N LYS D 77 -13.62 4.25 11.41
CA LYS D 77 -13.96 5.66 11.63
C LYS D 77 -15.14 6.14 10.78
N ASP D 78 -15.35 5.48 9.62
CA ASP D 78 -16.41 5.86 8.73
C ASP D 78 -17.79 5.44 9.24
N GLN D 79 -17.85 4.65 10.32
CA GLN D 79 -19.17 4.16 10.79
C GLN D 79 -20.07 5.27 11.32
N ILE D 80 -19.46 6.36 11.80
CA ILE D 80 -20.25 7.51 12.26
C ILE D 80 -20.67 8.47 11.12
N LYS D 81 -20.29 8.13 9.88
CA LYS D 81 -20.64 8.91 8.69
C LYS D 81 -21.72 8.23 7.87
N GLN D 82 -22.31 7.17 8.41
CA GLN D 82 -23.41 6.43 7.77
C GLN D 82 -24.45 6.10 8.82
N SER D 83 -25.61 5.64 8.39
CA SER D 83 -26.69 5.18 9.30
C SER D 83 -27.05 3.75 9.01
N TYR D 84 -27.23 2.98 10.06
CA TYR D 84 -27.63 1.60 9.91
C TYR D 84 -29.15 1.43 9.83
N GLY D 85 -29.87 2.54 9.98
CA GLY D 85 -31.30 2.57 9.74
C GLY D 85 -32.10 2.95 10.96
N THR D 86 -33.40 2.75 10.85
CA THR D 86 -34.33 3.12 11.92
C THR D 86 -34.00 2.46 13.24
N GLY D 87 -33.92 3.26 14.30
CA GLY D 87 -33.72 2.74 15.63
C GLY D 87 -32.26 2.75 16.04
N PHE D 88 -31.37 2.92 15.07
CA PHE D 88 -29.94 3.13 15.37
C PHE D 88 -29.69 4.62 15.56
N LYS D 89 -28.98 4.96 16.62
CA LYS D 89 -28.71 6.35 16.92
C LYS D 89 -27.25 6.53 17.27
N ILE D 90 -26.63 7.56 16.69
CA ILE D 90 -25.25 7.91 17.01
C ILE D 90 -25.22 8.93 18.15
N HIS D 91 -24.49 8.61 19.21
CA HIS D 91 -24.29 9.49 20.37
C HIS D 91 -22.84 9.93 20.50
N GLU D 92 -22.61 11.22 20.69
CA GLU D 92 -21.31 11.68 21.09
C GLU D 92 -21.00 11.19 22.51
N ASN D 93 -19.74 10.81 22.74
CA ASN D 93 -19.31 10.38 24.06
C ASN D 93 -18.99 11.62 24.89
N LYS D 94 -19.89 11.99 25.80
CA LYS D 94 -19.64 13.09 26.71
C LYS D 94 -19.11 12.54 28.04
N PRO D 95 -18.43 13.38 28.83
CA PRO D 95 -17.88 12.88 30.11
C PRO D 95 -18.94 12.22 30.99
N SER D 96 -20.16 12.71 30.87
CA SER D 96 -21.33 12.09 31.49
C SER D 96 -21.72 10.71 30.91
N THR D 97 -21.37 10.43 29.65
CA THR D 97 -21.95 9.30 28.90
C THR D 97 -21.45 7.93 29.36
N VAL D 98 -22.38 7.02 29.66
CA VAL D 98 -22.08 5.62 29.97
C VAL D 98 -22.93 4.72 29.05
N PRO D 99 -22.29 3.79 28.34
CA PRO D 99 -23.03 3.05 27.32
C PRO D 99 -23.79 1.86 27.89
N LYS D 100 -24.55 1.19 27.02
CA LYS D 100 -25.29 0.00 27.36
C LYS D 100 -24.77 -1.22 26.59
N LYS D 101 -24.93 -2.39 27.20
CA LYS D 101 -24.48 -3.63 26.62
C LYS D 101 -25.12 -3.83 25.23
N GLY D 102 -24.26 -4.10 24.25
CA GLY D 102 -24.71 -4.29 22.87
C GLY D 102 -24.49 -3.06 22.00
N TRP D 103 -24.27 -1.89 22.60
CA TRP D 103 -24.00 -0.69 21.82
C TRP D 103 -22.62 -0.86 21.17
N ILE D 104 -22.37 -0.07 20.14
CA ILE D 104 -21.11 -0.07 19.42
C ILE D 104 -20.26 1.13 19.80
N ALA D 105 -19.02 0.86 20.20
CA ALA D 105 -18.09 1.87 20.63
C ALA D 105 -17.15 2.25 19.48
N VAL D 106 -17.08 3.56 19.16
CA VAL D 106 -16.26 4.03 18.03
C VAL D 106 -15.16 5.01 18.48
N PHE D 107 -13.92 4.67 18.16
CA PHE D 107 -12.71 5.42 18.47
C PHE D 107 -12.20 6.15 17.22
N THR D 108 -12.13 7.49 17.27
CA THR D 108 -11.72 8.26 16.09
C THR D 108 -10.62 9.32 16.33
N SER D 109 -10.17 9.47 17.56
CA SER D 109 -9.21 10.52 17.86
C SER D 109 -7.89 9.93 18.32
N GLY D 110 -6.86 10.78 18.28
CA GLY D 110 -5.56 10.43 18.79
C GLY D 110 -4.92 9.33 17.99
N SER D 111 -4.43 8.31 18.68
CA SER D 111 -3.71 7.22 18.00
C SER D 111 -4.64 6.43 17.07
N TYR D 112 -5.95 6.58 17.27
CA TYR D 112 -6.93 5.89 16.44
C TYR D 112 -7.40 6.70 15.23
N GLU D 113 -6.79 7.87 14.95
CA GLU D 113 -7.38 8.74 13.95
C GLU D 113 -7.36 8.22 12.52
N GLN D 114 -6.29 7.55 12.13
CA GLN D 114 -6.09 7.26 10.72
C GLN D 114 -7.18 6.33 10.12
N TRP D 115 -7.50 5.26 10.85
CA TRP D 115 -8.52 4.29 10.40
C TRP D 115 -9.68 4.14 11.35
N GLY D 116 -9.50 4.62 12.60
CA GLY D 116 -10.43 4.36 13.65
C GLY D 116 -10.22 2.99 14.28
N HIS D 117 -10.89 2.80 15.39
CA HIS D 117 -11.05 1.50 16.04
C HIS D 117 -12.49 1.38 16.49
N ILE D 118 -12.95 0.16 16.67
CA ILE D 118 -14.36 -0.10 16.90
C ILE D 118 -14.54 -1.47 17.56
N GLY D 119 -15.63 -1.60 18.33
CA GLY D 119 -15.96 -2.82 19.06
C GLY D 119 -17.34 -2.71 19.67
N ILE D 120 -17.74 -3.77 20.38
CA ILE D 120 -19.10 -3.88 20.96
C ILE D 120 -19.01 -3.76 22.48
N VAL D 121 -19.89 -2.98 23.06
CA VAL D 121 -19.92 -2.83 24.52
C VAL D 121 -20.40 -4.12 25.15
N TYR D 122 -19.52 -4.77 25.93
CA TYR D 122 -19.85 -6.02 26.62
C TYR D 122 -20.38 -5.76 28.06
N ASP D 123 -19.78 -4.81 28.75
CA ASP D 123 -20.28 -4.35 30.04
C ASP D 123 -20.17 -2.83 30.03
N GLY D 124 -21.30 -2.17 30.31
CA GLY D 124 -21.36 -0.71 30.29
C GLY D 124 -20.48 0.03 31.28
N GLY D 125 -20.14 -0.65 32.39
CA GLY D 125 -19.15 -0.15 33.32
C GLY D 125 -19.62 1.12 34.01
N ASN D 126 -18.71 2.07 34.14
CA ASN D 126 -19.00 3.36 34.74
C ASN D 126 -18.34 4.46 33.93
N THR D 127 -18.24 5.66 34.51
CA THR D 127 -17.66 6.80 33.81
C THR D 127 -16.18 6.69 33.66
N SER D 128 -15.55 5.76 34.38
CA SER D 128 -14.11 5.59 34.30
C SER D 128 -13.67 4.50 33.29
N THR D 129 -14.29 3.33 33.36
CA THR D 129 -13.97 2.23 32.44
C THR D 129 -15.22 1.50 31.97
N PHE D 130 -15.09 0.77 30.86
CA PHE D 130 -16.10 -0.21 30.48
C PHE D 130 -15.38 -1.40 29.83
N THR D 131 -16.12 -2.48 29.60
CA THR D 131 -15.55 -3.64 28.95
C THR D 131 -16.04 -3.72 27.51
N ILE D 132 -15.08 -3.80 26.60
CA ILE D 132 -15.35 -3.91 25.15
C ILE D 132 -15.07 -5.32 24.67
N LEU D 133 -15.73 -5.70 23.57
CA LEU D 133 -15.48 -6.95 22.91
C LEU D 133 -15.07 -6.52 21.50
N GLU D 134 -13.88 -6.90 21.05
CA GLU D 134 -13.33 -6.32 19.84
C GLU D 134 -12.38 -7.29 19.16
N GLN D 135 -12.09 -7.03 17.89
CA GLN D 135 -11.05 -7.73 17.19
C GLN D 135 -9.83 -6.88 16.97
N ASN D 136 -8.71 -7.58 16.93
CA ASN D 136 -7.45 -7.03 16.43
C ASN D 136 -6.81 -5.97 17.28
N TRP D 137 -7.03 -6.04 18.58
CA TRP D 137 -6.21 -5.28 19.55
C TRP D 137 -4.72 -5.53 19.38
N ASN D 138 -4.35 -6.77 19.04
CA ASN D 138 -2.92 -7.13 18.94
C ASN D 138 -2.22 -6.71 17.63
N GLY D 139 -2.97 -6.29 16.62
CA GLY D 139 -2.42 -5.89 15.34
C GLY D 139 -2.11 -7.00 14.33
N TYR D 140 -2.16 -8.28 14.76
CA TYR D 140 -1.79 -9.42 13.90
C TYR D 140 -2.98 -9.96 13.10
N ALA D 141 -4.19 -9.48 13.42
CA ALA D 141 -5.41 -9.79 12.69
C ALA D 141 -5.74 -11.31 12.68
N ASN D 142 -5.39 -11.98 13.76
CA ASN D 142 -5.42 -13.43 13.86
C ASN D 142 -6.37 -13.99 14.91
N LYS D 143 -6.73 -13.23 15.94
CA LYS D 143 -7.53 -13.77 17.04
C LYS D 143 -9.02 -13.49 16.91
N LYS D 144 -9.79 -14.37 17.57
CA LYS D 144 -11.21 -14.20 17.70
C LYS D 144 -11.56 -12.99 18.58
N PRO D 145 -12.84 -12.55 18.56
CA PRO D 145 -13.23 -11.42 19.37
C PRO D 145 -12.85 -11.65 20.85
N THR D 146 -12.28 -10.63 21.46
CA THR D 146 -11.68 -10.75 22.78
C THR D 146 -12.06 -9.57 23.64
N LYS D 147 -12.38 -9.81 24.91
CA LYS D 147 -12.75 -8.74 25.83
C LYS D 147 -11.52 -7.97 26.34
N ARG D 148 -11.72 -6.68 26.62
CA ARG D 148 -10.68 -5.78 27.15
C ARG D 148 -11.35 -4.66 27.95
N VAL D 149 -10.70 -4.22 29.03
CA VAL D 149 -11.16 -3.06 29.79
C VAL D 149 -10.59 -1.79 29.18
N ASP D 150 -11.48 -0.89 28.79
CA ASP D 150 -11.09 0.36 28.12
C ASP D 150 -11.40 1.55 29.03
N ASN D 151 -10.56 2.58 28.91
CA ASN D 151 -10.63 3.81 29.74
C ASN D 151 -11.19 5.04 29.01
N TYR D 152 -11.86 4.79 27.88
CA TYR D 152 -12.47 5.83 27.00
C TYR D 152 -11.46 6.65 26.21
N TYR D 153 -10.17 6.31 26.28
CA TYR D 153 -9.17 7.07 25.57
C TYR D 153 -9.45 7.00 24.06
N GLY D 154 -9.59 8.16 23.38
CA GLY D 154 -9.82 8.17 21.92
C GLY D 154 -11.23 7.84 21.47
N LEU D 155 -12.12 7.53 22.43
CA LEU D 155 -13.46 7.05 22.16
C LEU D 155 -14.36 8.28 21.97
N THR D 156 -14.93 8.44 20.78
CA THR D 156 -15.67 9.68 20.45
C THR D 156 -17.18 9.53 20.30
N HIS D 157 -17.66 8.32 19.96
CA HIS D 157 -19.07 8.07 19.72
C HIS D 157 -19.49 6.67 20.14
N PHE D 158 -20.77 6.51 20.47
CA PHE D 158 -21.43 5.21 20.63
C PHE D 158 -22.56 5.11 19.62
N ILE D 159 -22.76 3.93 19.04
CA ILE D 159 -23.92 3.71 18.22
C ILE D 159 -24.89 2.83 19.01
N GLU D 160 -26.03 3.43 19.38
CA GLU D 160 -27.11 2.72 20.06
C GLU D 160 -27.82 1.86 19.03
N ILE D 161 -28.09 0.61 19.38
CA ILE D 161 -28.79 -0.30 18.49
CA ILE D 161 -28.80 -0.31 18.49
C ILE D 161 -30.24 -0.48 18.94
N PRO D 162 -31.14 -0.82 17.99
CA PRO D 162 -32.53 -1.13 18.41
C PRO D 162 -32.59 -2.43 19.22
N VAL D 163 -33.49 -2.46 20.21
CA VAL D 163 -33.67 -3.66 21.02
C VAL D 163 -35.17 -3.99 21.05
N LYS D 164 -35.49 -5.22 20.63
CA LYS D 164 -36.85 -5.75 20.63
C LYS D 164 -37.29 -6.17 22.02
N ALA D 165 -38.53 -5.85 22.37
CA ALA D 165 -39.21 -6.42 23.53
C ALA D 165 -39.38 -7.92 23.36
C1 GOL E . -12.84 25.10 -1.74
O1 GOL E . -13.78 25.79 -0.90
C2 GOL E . -13.50 24.56 -3.01
O2 GOL E . -14.92 24.63 -3.03
C3 GOL E . -13.02 23.13 -3.21
O3 GOL E . -11.84 23.39 -3.94
CA CA F . -4.63 12.12 0.31
O1 MES G . -3.16 2.68 -0.14
C2 MES G . -4.09 1.92 -0.92
C3 MES G . -5.20 2.83 -1.48
N4 MES G . -5.85 3.49 -0.31
C5 MES G . -4.87 4.40 0.30
C6 MES G . -3.73 3.56 0.87
C7 MES G . -7.13 4.15 -0.63
C8 MES G . -7.10 5.21 -1.73
S MES G . -8.62 5.86 -2.08
O1S MES G . -9.08 6.60 -0.85
O2S MES G . -9.60 4.80 -2.56
O3S MES G . -8.34 6.84 -3.17
NA NA H . -20.81 0.97 -21.09
ZN ZN I . -7.68 4.55 -5.51
CA CA J . 17.46 5.05 26.41
O1 MES K . 16.06 14.39 27.37
C2 MES K . 16.60 15.21 26.32
C3 MES K . 17.39 14.35 25.33
N4 MES K . 18.46 13.64 26.08
C5 MES K . 17.80 12.68 26.98
C6 MES K . 17.00 13.49 28.00
C7 MES K . 19.48 12.99 25.23
C8 MES K . 18.88 12.15 24.11
S MES K . 20.04 11.50 23.10
O1S MES K . 20.74 12.57 22.25
O2S MES K . 19.31 10.52 22.26
O3S MES K . 21.07 10.73 23.87
NA NA L . 22.58 18.28 1.12
ZN ZN M . 17.77 13.11 20.54
CA CA N . -0.04 -9.04 -27.27
O1 MES O . -6.20 -15.98 -24.31
C2 MES O . -5.50 -17.23 -24.24
C3 MES O . -3.99 -16.95 -24.28
N4 MES O . -3.58 -16.28 -25.54
C5 MES O . -4.43 -15.08 -25.70
C6 MES O . -5.93 -15.38 -25.57
C7 MES O . -2.15 -15.85 -25.50
C8 MES O . -1.20 -16.95 -24.99
S MES O . 0.43 -16.68 -25.35
O1S MES O . 0.62 -16.44 -26.82
O2S MES O . 1.09 -17.98 -24.98
O3S MES O . 0.96 -15.55 -24.57
NA NA P . 15.25 -28.35 -12.08
ZN ZN Q . 0.63 -17.29 -21.59
CA CA R . -11.27 -8.72 6.99
O1 MES S . -4.40 -1.96 7.40
C2 MES S . -4.96 -0.71 7.86
C3 MES S . -6.31 -0.99 8.53
N4 MES S . -7.23 -1.65 7.57
C5 MES S . -6.56 -2.86 7.08
C6 MES S . -5.26 -2.50 6.39
C7 MES S . -8.52 -2.07 8.20
C8 MES S . -9.11 -1.02 9.14
S MES S . -10.73 -1.35 9.49
O1S MES S . -11.18 -0.11 10.25
O2S MES S . -10.89 -2.61 10.24
O3S MES S . -11.53 -1.50 8.20
NA NA T . -17.88 8.93 28.96
ZN ZN U . -9.33 -1.13 12.99
#